data_7JYU
#
_entry.id   7JYU
#
_cell.length_a   79.921
_cell.length_b   120.246
_cell.length_c   187.796
_cell.angle_alpha   90.000
_cell.angle_beta   90.000
_cell.angle_gamma   90.000
#
_symmetry.space_group_name_H-M   'C 2 2 21'
#
loop_
_entity.id
_entity.type
_entity.pdbx_description
1 polymer 'MHC class I antigen'
2 polymer Beta-2-microglobulin
3 polymer 'NP-164-173 peptide from influenza B, IYFSPIRVTF'
4 non-polymer 'MAGNESIUM ION'
5 water water
#
loop_
_entity_poly.entity_id
_entity_poly.type
_entity_poly.pdbx_seq_one_letter_code
_entity_poly.pdbx_strand_id
1 'polypeptide(L)'
;GSHSMRYFSTSVSRPGRGEPRFIAVGYVDDTQFVRFDSDAASQRMEPRAPWIEQEGPEYWDEETGKVKAHSQTDRENLRI
ALRYYNQSEAGSHTLQMMFGCDVGSDGRFLRGYHQYAYDGKDYIALKEDLRSWTAADMAAQITKRKWEAAHVAEQQRAYL
EGTCVDGLRRYLENGKETLQRTDPPKTHMTHHPISDHEATLRCWALGFYPAEITLTWQRDGEDQTQDTELVETRPAGDGT
FQKWAAVVVPSGEEQRYTCHVQHEGLPKPLTLRWEPSS
;
A,D
2 'polypeptide(L)'
;MIQRTPKIQVYSRHPAENGKSNFLNCYVSGFHPSDIEVDLLKNGERIEKVEHSDLSFSKDWSFYLLYYTEFTPTEKDEYA
CRVNHVTLSQPKIVKWDRDM
;
B,E
3 'polypeptide(L)' IYFSPIRVTF C,F
#
# COMPACT_ATOMS: atom_id res chain seq x y z
N GLY A 1 14.12 -24.79 -0.91
CA GLY A 1 13.53 -24.80 0.42
C GLY A 1 14.29 -23.94 1.43
N SER A 2 14.16 -22.62 1.28
CA SER A 2 14.80 -21.64 2.14
C SER A 2 14.17 -21.59 3.56
N HIS A 3 14.93 -21.04 4.52
CA HIS A 3 14.54 -20.83 5.93
C HIS A 3 15.07 -19.49 6.43
N SER A 4 14.35 -18.86 7.32
CA SER A 4 14.75 -17.55 7.81
C SER A 4 14.58 -17.37 9.29
N MET A 5 15.37 -16.47 9.83
CA MET A 5 15.33 -16.04 11.21
C MET A 5 15.30 -14.52 11.17
N ARG A 6 14.38 -13.92 11.93
CA ARG A 6 14.17 -12.48 12.02
C ARG A 6 13.93 -12.04 13.44
N TYR A 7 14.32 -10.80 13.71
CA TYR A 7 14.06 -10.14 14.96
C TYR A 7 13.48 -8.78 14.67
N PHE A 8 12.30 -8.54 15.23
CA PHE A 8 11.56 -7.30 15.12
C PHE A 8 11.59 -6.59 16.48
N SER A 9 12.14 -5.36 16.52
CA SER A 9 12.30 -4.52 17.70
C SER A 9 11.57 -3.24 17.49
N THR A 10 10.93 -2.72 18.54
CA THR A 10 10.20 -1.46 18.48
C THR A 10 10.54 -0.70 19.77
N SER A 11 10.68 0.62 19.68
CA SER A 11 10.94 1.47 20.83
C SER A 11 10.05 2.65 20.66
N VAL A 12 9.07 2.77 21.54
CA VAL A 12 8.09 3.83 21.42
C VAL A 12 8.24 4.78 22.61
N SER A 13 8.65 6.02 22.31
CA SER A 13 8.76 7.03 23.33
C SER A 13 7.36 7.43 23.84
N ARG A 14 7.34 7.91 25.08
CA ARG A 14 6.20 8.39 25.84
C ARG A 14 6.79 9.52 26.68
N PRO A 15 6.83 10.76 26.13
CA PRO A 15 7.50 11.85 26.87
C PRO A 15 6.75 12.24 28.14
N GLY A 16 7.54 12.48 29.20
CA GLY A 16 7.07 12.80 30.54
C GLY A 16 6.63 11.59 31.34
N ARG A 17 6.43 10.42 30.67
CA ARG A 17 5.96 9.18 31.28
C ARG A 17 7.02 8.04 31.31
N GLY A 18 8.20 8.36 31.82
CA GLY A 18 9.26 7.37 31.95
C GLY A 18 10.01 7.14 30.66
N GLU A 19 10.83 6.10 30.64
CA GLU A 19 11.63 5.72 29.48
C GLU A 19 10.76 5.04 28.41
N PRO A 20 11.15 5.04 27.12
CA PRO A 20 10.32 4.38 26.09
C PRO A 20 10.22 2.87 26.27
N ARG A 21 9.05 2.31 26.01
CA ARG A 21 8.90 0.85 26.04
C ARG A 21 9.62 0.31 24.80
N PHE A 22 10.38 -0.75 24.98
CA PHE A 22 11.05 -1.50 23.93
C PHE A 22 10.47 -2.93 23.89
N ILE A 23 10.01 -3.39 22.74
CA ILE A 23 9.57 -4.79 22.59
C ILE A 23 10.48 -5.40 21.54
N ALA A 24 10.71 -6.69 21.63
CA ALA A 24 11.51 -7.41 20.64
C ALA A 24 10.97 -8.80 20.57
N VAL A 25 10.88 -9.31 19.34
CA VAL A 25 10.38 -10.64 19.07
C VAL A 25 11.29 -11.28 18.06
N GLY A 26 11.53 -12.56 18.24
CA GLY A 26 12.28 -13.38 17.30
C GLY A 26 11.34 -14.37 16.65
N TYR A 27 11.58 -14.57 15.36
CA TYR A 27 10.83 -15.49 14.51
C TYR A 27 11.78 -16.34 13.71
N VAL A 28 11.45 -17.62 13.59
CA VAL A 28 12.08 -18.63 12.75
C VAL A 28 10.94 -18.92 11.76
N ASP A 29 11.15 -18.54 10.49
CA ASP A 29 10.15 -18.61 9.45
C ASP A 29 8.84 -17.93 9.96
N ASP A 30 7.69 -18.63 10.06
CA ASP A 30 6.47 -17.96 10.49
C ASP A 30 6.12 -18.19 11.98
N THR A 31 7.02 -18.87 12.73
CA THR A 31 6.83 -19.23 14.13
C THR A 31 7.64 -18.32 15.06
N GLN A 32 6.99 -17.73 16.05
CA GLN A 32 7.67 -16.88 17.03
C GLN A 32 8.23 -17.77 18.12
N PHE A 33 9.53 -17.60 18.43
CA PHE A 33 10.20 -18.36 19.48
C PHE A 33 10.58 -17.53 20.72
N VAL A 34 10.88 -16.23 20.56
CA VAL A 34 11.25 -15.40 21.73
C VAL A 34 10.43 -14.14 21.80
N ARG A 35 10.50 -13.49 22.99
CA ARG A 35 9.89 -12.22 23.34
C ARG A 35 10.72 -11.60 24.49
N PHE A 36 10.85 -10.28 24.47
CA PHE A 36 11.41 -9.42 25.50
C PHE A 36 10.58 -8.15 25.48
N ASP A 37 10.25 -7.62 26.66
CA ASP A 37 9.47 -6.40 26.84
C ASP A 37 10.08 -5.58 28.01
N SER A 38 10.53 -4.33 27.75
CA SER A 38 11.14 -3.46 28.78
C SER A 38 10.16 -3.15 29.94
N ASP A 39 8.84 -3.25 29.62
CA ASP A 39 7.72 -3.03 30.51
C ASP A 39 7.12 -4.38 30.87
N ALA A 40 7.92 -5.22 31.52
CA ALA A 40 7.55 -6.57 31.97
C ALA A 40 8.26 -6.84 33.30
N ALA A 41 7.58 -7.57 34.20
CA ALA A 41 8.10 -7.86 35.53
C ALA A 41 9.47 -8.54 35.50
N SER A 42 9.59 -9.63 34.70
CA SER A 42 10.78 -10.49 34.55
C SER A 42 12.06 -9.76 34.21
N GLN A 43 11.99 -8.89 33.18
CA GLN A 43 13.09 -8.12 32.57
C GLN A 43 14.07 -9.10 31.88
N ARG A 44 13.50 -10.14 31.23
CA ARG A 44 14.22 -11.26 30.61
C ARG A 44 13.67 -11.65 29.27
N MET A 45 14.52 -12.32 28.48
CA MET A 45 14.13 -12.90 27.19
C MET A 45 13.38 -14.18 27.63
N GLU A 46 12.13 -14.34 27.18
CA GLU A 46 11.25 -15.44 27.57
C GLU A 46 10.89 -16.32 26.36
N PRO A 47 10.73 -17.66 26.53
CA PRO A 47 10.42 -18.51 25.37
C PRO A 47 8.96 -18.37 24.95
N ARG A 48 8.70 -18.63 23.64
CA ARG A 48 7.38 -18.54 23.01
C ARG A 48 7.04 -19.75 22.11
N ALA A 49 7.94 -20.77 22.09
CA ALA A 49 7.84 -22.04 21.32
C ALA A 49 8.42 -23.20 22.15
N PRO A 50 7.83 -24.42 22.11
CA PRO A 50 8.37 -25.54 22.92
C PRO A 50 9.85 -25.84 22.78
N TRP A 51 10.33 -25.88 21.54
CA TRP A 51 11.71 -26.24 21.19
C TRP A 51 12.78 -25.25 21.66
N ILE A 52 12.44 -24.00 21.97
CA ILE A 52 13.49 -23.10 22.45
C ILE A 52 13.81 -23.38 23.95
N GLU A 53 12.81 -23.91 24.68
CA GLU A 53 12.96 -24.28 26.08
C GLU A 53 14.08 -25.31 26.31
N GLN A 54 14.45 -26.10 25.28
CA GLN A 54 15.55 -27.07 25.43
C GLN A 54 16.96 -26.38 25.44
N GLU A 55 17.01 -25.04 25.35
CA GLU A 55 18.26 -24.30 25.44
C GLU A 55 18.60 -24.19 26.93
N GLY A 56 19.89 -24.29 27.23
CA GLY A 56 20.42 -24.20 28.58
C GLY A 56 20.17 -22.88 29.28
N PRO A 57 20.36 -22.80 30.60
CA PRO A 57 20.08 -21.52 31.30
C PRO A 57 21.04 -20.38 31.00
N GLU A 58 22.24 -20.71 30.49
CA GLU A 58 23.28 -19.75 30.11
C GLU A 58 22.77 -18.93 28.91
N TYR A 59 22.05 -19.61 27.95
CA TYR A 59 21.42 -18.98 26.77
C TYR A 59 20.57 -17.83 27.24
N TRP A 60 19.60 -18.11 28.14
CA TRP A 60 18.69 -17.11 28.66
C TRP A 60 19.41 -15.96 29.31
N ASP A 61 20.58 -16.17 29.92
CA ASP A 61 21.33 -15.05 30.53
C ASP A 61 22.00 -14.18 29.48
N GLU A 62 22.57 -14.82 28.44
CA GLU A 62 23.29 -14.09 27.37
C GLU A 62 22.35 -13.35 26.46
N GLU A 63 21.20 -13.98 26.14
CA GLU A 63 20.16 -13.38 25.30
C GLU A 63 19.57 -12.18 25.98
N THR A 64 19.28 -12.30 27.28
CA THR A 64 18.76 -11.19 28.07
C THR A 64 19.77 -10.04 28.05
N GLY A 65 21.04 -10.36 28.15
CA GLY A 65 22.08 -9.34 28.13
C GLY A 65 22.16 -8.59 26.82
N LYS A 66 22.06 -9.33 25.70
CA LYS A 66 22.15 -8.76 24.37
C LYS A 66 20.94 -7.90 24.02
N VAL A 67 19.72 -8.41 24.33
CA VAL A 67 18.51 -7.64 24.04
C VAL A 67 18.48 -6.40 24.93
N LYS A 68 18.94 -6.52 26.19
CA LYS A 68 18.97 -5.38 27.10
C LYS A 68 19.90 -4.30 26.58
N ALA A 69 21.04 -4.68 26.03
CA ALA A 69 22.01 -3.72 25.48
C ALA A 69 21.43 -2.88 24.32
N HIS A 70 20.67 -3.53 23.43
CA HIS A 70 20.07 -2.91 22.26
C HIS A 70 18.99 -1.96 22.67
N SER A 71 18.22 -2.33 23.65
CA SER A 71 17.16 -1.48 24.15
C SER A 71 17.69 -0.20 24.64
N GLN A 72 18.87 -0.23 25.21
CA GLN A 72 19.50 0.96 25.75
C GLN A 72 19.97 1.83 24.65
N THR A 73 20.56 1.22 23.64
CA THR A 73 21.03 1.94 22.47
C THR A 73 19.87 2.61 21.75
N ASP A 74 18.76 1.88 21.57
CA ASP A 74 17.60 2.42 20.88
C ASP A 74 16.92 3.60 21.64
N ARG A 75 17.05 3.71 22.99
CA ARG A 75 16.49 4.86 23.68
C ARG A 75 17.30 6.12 23.42
N GLU A 76 18.59 5.98 23.19
CA GLU A 76 19.40 7.14 22.88
C GLU A 76 19.28 7.44 21.41
N ASN A 77 19.10 6.37 20.60
CA ASN A 77 18.86 6.47 19.16
C ASN A 77 17.59 7.30 18.89
N LEU A 78 16.54 7.12 19.73
CA LEU A 78 15.30 7.92 19.71
C LEU A 78 15.57 9.40 19.99
N ARG A 79 16.42 9.71 20.99
CA ARG A 79 16.81 11.08 21.36
C ARG A 79 17.71 11.75 20.32
N ILE A 80 18.45 10.96 19.53
CA ILE A 80 19.32 11.51 18.50
C ILE A 80 18.51 11.85 17.29
N ALA A 81 17.64 10.93 16.84
CA ALA A 81 16.79 11.21 15.68
C ALA A 81 15.94 12.47 15.92
N LEU A 82 15.45 12.67 17.16
CA LEU A 82 14.68 13.84 17.58
C LEU A 82 15.41 15.18 17.33
N ARG A 83 16.70 15.26 17.72
CA ARG A 83 17.50 16.48 17.47
C ARG A 83 17.92 16.60 16.00
N TYR A 84 18.15 15.46 15.31
CA TYR A 84 18.52 15.40 13.90
C TYR A 84 17.43 16.00 13.05
N TYR A 85 16.17 15.66 13.38
CA TYR A 85 15.00 16.11 12.63
C TYR A 85 14.41 17.43 13.17
N ASN A 86 15.14 18.12 14.10
CA ASN A 86 14.71 19.42 14.66
C ASN A 86 13.23 19.37 15.21
N GLN A 87 12.84 18.17 15.68
CA GLN A 87 11.53 17.86 16.22
C GLN A 87 11.39 18.30 17.68
N SER A 88 10.18 18.77 18.08
CA SER A 88 9.87 19.21 19.45
C SER A 88 10.08 18.08 20.49
N GLU A 89 10.35 18.46 21.76
CA GLU A 89 10.50 17.51 22.87
C GLU A 89 9.18 16.76 23.15
N ALA A 90 8.04 17.40 22.80
CA ALA A 90 6.72 16.82 22.93
C ALA A 90 6.42 15.89 21.74
N GLY A 91 5.70 14.81 22.05
CA GLY A 91 5.30 13.82 21.05
C GLY A 91 6.01 12.49 21.08
N SER A 92 5.21 11.43 20.95
CA SER A 92 5.64 10.04 20.91
C SER A 92 6.17 9.73 19.51
N HIS A 93 7.31 9.02 19.46
CA HIS A 93 7.98 8.59 18.25
C HIS A 93 8.38 7.15 18.34
N THR A 94 8.46 6.52 17.18
CA THR A 94 8.74 5.10 17.04
C THR A 94 9.98 4.83 16.25
N LEU A 95 10.83 3.99 16.82
CA LEU A 95 12.03 3.50 16.17
C LEU A 95 11.88 1.98 16.12
N GLN A 96 11.92 1.40 14.90
CA GLN A 96 11.81 -0.05 14.73
C GLN A 96 13.05 -0.59 14.07
N MET A 97 13.37 -1.84 14.36
CA MET A 97 14.50 -2.51 13.77
C MET A 97 14.17 -3.92 13.36
N MET A 98 14.74 -4.34 12.23
CA MET A 98 14.69 -5.70 11.75
C MET A 98 16.11 -6.17 11.40
N PHE A 99 16.52 -7.30 11.94
CA PHE A 99 17.77 -7.97 11.65
C PHE A 99 17.48 -9.44 11.64
N GLY A 100 18.27 -10.16 10.88
CA GLY A 100 18.17 -11.60 10.76
C GLY A 100 18.79 -12.05 9.46
N CYS A 101 18.64 -13.34 9.14
CA CYS A 101 19.24 -13.90 7.93
C CYS A 101 18.31 -14.91 7.27
N ASP A 102 18.70 -15.35 6.07
CA ASP A 102 18.05 -16.37 5.24
C ASP A 102 19.10 -17.45 4.90
N VAL A 103 18.71 -18.75 4.99
CA VAL A 103 19.61 -19.87 4.64
C VAL A 103 19.00 -20.84 3.62
N GLY A 104 19.89 -21.54 2.92
CA GLY A 104 19.55 -22.58 1.96
C GLY A 104 19.10 -23.85 2.66
N SER A 105 18.47 -24.78 1.89
CA SER A 105 17.98 -26.09 2.36
C SER A 105 19.09 -26.94 3.02
N ASP A 106 20.35 -26.62 2.68
CA ASP A 106 21.59 -27.21 3.15
C ASP A 106 22.22 -26.38 4.31
N GLY A 107 21.81 -25.11 4.43
CA GLY A 107 22.29 -24.20 5.48
C GLY A 107 23.28 -23.14 5.03
N ARG A 108 23.37 -22.92 3.70
CA ARG A 108 24.29 -21.90 3.22
C ARG A 108 23.66 -20.54 3.38
N PHE A 109 24.50 -19.53 3.60
CA PHE A 109 24.10 -18.14 3.71
C PHE A 109 23.53 -17.69 2.37
N LEU A 110 22.33 -17.11 2.41
CA LEU A 110 21.67 -16.59 1.23
C LEU A 110 21.62 -15.07 1.26
N ARG A 111 21.09 -14.49 2.37
CA ARG A 111 20.83 -13.06 2.58
C ARG A 111 20.87 -12.71 4.09
N GLY A 112 21.17 -11.45 4.39
CA GLY A 112 21.27 -10.92 5.75
C GLY A 112 20.78 -9.48 5.88
N TYR A 113 19.92 -9.24 6.90
CA TYR A 113 19.27 -7.95 7.17
C TYR A 113 19.75 -7.25 8.47
N HIS A 114 19.68 -5.92 8.53
CA HIS A 114 20.03 -5.04 9.65
C HIS A 114 19.62 -3.63 9.23
N GLN A 115 18.39 -3.26 9.60
CA GLN A 115 17.78 -2.02 9.18
C GLN A 115 16.78 -1.49 10.18
N TYR A 116 16.68 -0.14 10.15
CA TYR A 116 15.85 0.68 11.00
C TYR A 116 14.91 1.54 10.20
N ALA A 117 13.75 1.82 10.81
CA ALA A 117 12.75 2.77 10.34
C ALA A 117 12.37 3.63 11.51
N TYR A 118 12.31 4.97 11.27
CA TYR A 118 11.96 6.03 12.23
C TYR A 118 10.62 6.61 11.78
N ASP A 119 9.61 6.57 12.70
CA ASP A 119 8.22 7.00 12.52
C ASP A 119 7.55 6.37 11.23
N GLY A 120 7.83 5.08 11.02
CA GLY A 120 7.31 4.25 9.93
C GLY A 120 8.01 4.34 8.59
N LYS A 121 9.05 5.19 8.44
CA LYS A 121 9.78 5.35 7.18
C LYS A 121 11.22 4.92 7.38
N ASP A 122 11.75 4.19 6.37
CA ASP A 122 13.15 3.76 6.33
C ASP A 122 14.12 4.86 6.82
N TYR A 123 15.04 4.48 7.71
CA TYR A 123 16.05 5.40 8.22
C TYR A 123 17.34 4.89 7.64
N ILE A 124 17.94 3.83 8.19
CA ILE A 124 19.16 3.24 7.64
C ILE A 124 18.98 1.72 7.42
N ALA A 125 19.81 1.15 6.52
CA ALA A 125 19.79 -0.28 6.13
C ALA A 125 21.12 -0.76 5.59
N LEU A 126 21.59 -1.93 6.03
CA LEU A 126 22.79 -2.60 5.51
C LEU A 126 22.42 -3.13 4.11
N LYS A 127 23.28 -2.90 3.09
CA LYS A 127 23.06 -3.33 1.71
C LYS A 127 23.34 -4.82 1.58
N GLU A 128 22.81 -5.45 0.52
CA GLU A 128 22.91 -6.87 0.26
C GLU A 128 24.33 -7.40 0.40
N ASP A 129 25.34 -6.60 -0.02
CA ASP A 129 26.76 -6.95 0.07
C ASP A 129 27.32 -6.93 1.50
N LEU A 130 26.60 -6.32 2.46
CA LEU A 130 26.93 -6.23 3.89
C LEU A 130 28.21 -5.44 4.18
N ARG A 131 28.46 -4.43 3.36
CA ARG A 131 29.66 -3.62 3.48
C ARG A 131 29.25 -2.19 3.47
N SER A 132 28.06 -1.93 2.98
CA SER A 132 27.57 -0.60 2.74
C SER A 132 26.17 -0.38 3.30
N TRP A 133 25.78 0.89 3.51
CA TRP A 133 24.48 1.29 4.06
C TRP A 133 23.67 2.12 3.11
N THR A 134 22.33 2.14 3.28
CA THR A 134 21.43 3.00 2.50
C THR A 134 20.80 4.03 3.44
N ALA A 135 21.05 5.28 3.15
CA ALA A 135 20.53 6.34 3.95
C ALA A 135 19.39 6.93 3.18
N ALA A 136 18.18 6.83 3.77
CA ALA A 136 16.91 7.32 3.27
C ALA A 136 16.91 8.82 3.00
N ASP A 137 17.32 9.61 4.02
CA ASP A 137 17.34 11.08 3.99
C ASP A 137 18.68 11.66 4.52
N MET A 138 18.66 12.90 5.05
CA MET A 138 19.85 13.59 5.53
C MET A 138 20.29 13.20 6.91
N ALA A 139 19.33 12.92 7.82
CA ALA A 139 19.59 12.52 9.22
C ALA A 139 20.32 11.20 9.18
N ALA A 140 19.79 10.28 8.37
CA ALA A 140 20.31 8.94 8.14
C ALA A 140 21.69 9.03 7.53
N GLN A 141 22.00 10.12 6.76
CA GLN A 141 23.31 10.28 6.14
C GLN A 141 24.37 10.55 7.20
N ILE A 142 23.98 11.27 8.27
CA ILE A 142 24.87 11.60 9.39
C ILE A 142 25.22 10.29 10.05
N THR A 143 24.23 9.39 10.20
CA THR A 143 24.46 8.07 10.77
C THR A 143 25.32 7.24 9.83
N LYS A 144 25.01 7.22 8.53
CA LYS A 144 25.76 6.50 7.52
C LYS A 144 27.21 6.81 7.74
N ARG A 145 27.49 8.09 7.80
CA ARG A 145 28.79 8.67 7.98
C ARG A 145 29.46 8.20 9.24
N LYS A 146 28.73 8.23 10.36
CA LYS A 146 29.22 7.81 11.68
C LYS A 146 29.56 6.32 11.70
N TRP A 147 28.70 5.50 11.07
CA TRP A 147 28.80 4.05 11.06
C TRP A 147 29.88 3.52 10.14
N GLU A 148 30.20 4.27 9.06
CA GLU A 148 31.25 3.90 8.11
C GLU A 148 32.62 4.08 8.78
N ALA A 149 32.75 5.17 9.53
CA ALA A 149 33.94 5.51 10.29
C ALA A 149 34.16 4.54 11.43
N ALA A 150 33.07 3.94 11.97
CA ALA A 150 33.11 3.07 13.15
C ALA A 150 33.14 1.58 12.88
N HIS A 151 33.16 1.18 11.60
CA HIS A 151 33.24 -0.21 11.14
C HIS A 151 32.11 -1.08 11.66
N VAL A 152 30.88 -0.52 11.66
CA VAL A 152 29.63 -1.19 12.12
C VAL A 152 29.22 -2.32 11.18
N ALA A 153 29.33 -2.11 9.86
CA ALA A 153 28.95 -3.13 8.88
C ALA A 153 29.87 -4.30 9.01
N GLU A 154 31.20 -4.04 9.19
CA GLU A 154 32.18 -5.12 9.32
C GLU A 154 31.77 -6.10 10.40
N GLN A 155 31.35 -5.55 11.58
CA GLN A 155 30.90 -6.32 12.73
C GLN A 155 29.59 -7.06 12.44
N GLN A 156 28.61 -6.37 11.84
CA GLN A 156 27.33 -6.98 11.52
C GLN A 156 27.43 -8.02 10.44
N ARG A 157 28.39 -7.84 9.49
CA ARG A 157 28.67 -8.81 8.41
C ARG A 157 29.06 -10.11 9.09
N ALA A 158 29.92 -10.06 10.10
CA ALA A 158 30.35 -11.25 10.83
C ALA A 158 29.23 -11.90 11.61
N TYR A 159 28.26 -11.08 12.16
CA TYR A 159 27.12 -11.60 12.90
C TYR A 159 26.17 -12.28 11.93
N LEU A 160 25.88 -11.59 10.85
CA LEU A 160 24.95 -12.04 9.83
C LEU A 160 25.36 -13.32 9.09
N GLU A 161 26.62 -13.42 8.61
CA GLU A 161 27.13 -14.60 7.87
C GLU A 161 27.60 -15.74 8.78
N GLY A 162 27.83 -15.44 10.05
CA GLY A 162 28.32 -16.37 11.02
C GLY A 162 27.31 -16.82 12.05
N THR A 163 27.23 -16.05 13.18
CA THR A 163 26.35 -16.32 14.33
C THR A 163 24.92 -16.63 13.96
N CYS A 164 24.37 -15.82 13.08
CA CYS A 164 23.00 -15.91 12.64
C CYS A 164 22.69 -17.23 11.95
N VAL A 165 23.47 -17.58 10.91
CA VAL A 165 23.24 -18.81 10.13
C VAL A 165 23.43 -20.06 11.04
N ASP A 166 24.46 -20.05 11.92
CA ASP A 166 24.73 -21.16 12.83
C ASP A 166 23.59 -21.37 13.83
N GLY A 167 23.15 -20.27 14.43
CA GLY A 167 22.08 -20.26 15.41
C GLY A 167 20.79 -20.73 14.79
N LEU A 168 20.55 -20.33 13.51
CA LEU A 168 19.38 -20.74 12.74
C LEU A 168 19.39 -22.26 12.49
N ARG A 169 20.58 -22.79 12.17
CA ARG A 169 20.78 -24.19 11.87
C ARG A 169 20.39 -25.03 13.06
N ARG A 170 20.76 -24.60 14.28
CA ARG A 170 20.42 -25.40 15.46
C ARG A 170 18.95 -25.29 15.84
N TYR A 171 18.29 -24.16 15.48
CA TYR A 171 16.84 -23.93 15.75
C TYR A 171 16.06 -24.76 14.79
N LEU A 172 16.65 -25.02 13.62
CA LEU A 172 16.00 -25.85 12.62
C LEU A 172 16.14 -27.31 12.98
N GLU A 173 17.30 -27.67 13.57
CA GLU A 173 17.61 -29.01 14.02
C GLU A 173 16.75 -29.36 15.24
N ASN A 174 16.76 -28.50 16.29
CA ASN A 174 15.95 -28.70 17.50
C ASN A 174 14.45 -28.60 17.27
N GLY A 175 14.06 -27.67 16.40
CA GLY A 175 12.66 -27.44 16.08
C GLY A 175 12.20 -28.17 14.84
N LYS A 176 12.87 -29.28 14.51
CA LYS A 176 12.56 -30.13 13.35
C LYS A 176 11.06 -30.47 13.23
N GLU A 177 10.49 -31.15 14.27
CA GLU A 177 9.10 -31.63 14.36
C GLU A 177 8.01 -30.64 14.01
N THR A 178 8.26 -29.38 14.31
CA THR A 178 7.29 -28.31 14.12
C THR A 178 7.66 -27.36 12.99
N LEU A 179 8.95 -27.16 12.73
CA LEU A 179 9.31 -26.20 11.69
C LEU A 179 9.41 -26.83 10.30
N GLN A 180 10.07 -28.00 10.19
CA GLN A 180 10.26 -28.71 8.92
C GLN A 180 8.96 -29.31 8.38
N ARG A 181 7.93 -29.37 9.23
CA ARG A 181 6.59 -29.82 8.89
C ARG A 181 5.99 -28.89 7.84
N THR A 182 5.06 -29.43 7.04
CA THR A 182 4.33 -28.64 6.07
C THR A 182 2.85 -29.00 6.23
N ASP A 183 2.06 -28.04 6.73
CA ASP A 183 0.64 -28.25 6.99
C ASP A 183 -0.16 -27.89 5.76
N PRO A 184 -0.87 -28.87 5.16
CA PRO A 184 -1.66 -28.53 3.96
C PRO A 184 -2.96 -27.81 4.33
N PRO A 185 -3.50 -26.99 3.42
CA PRO A 185 -4.73 -26.27 3.74
C PRO A 185 -5.96 -27.14 3.59
N LYS A 186 -6.87 -27.06 4.57
CA LYS A 186 -8.14 -27.77 4.52
C LYS A 186 -9.05 -26.84 3.73
N THR A 187 -9.41 -27.26 2.50
CA THR A 187 -10.25 -26.42 1.65
C THR A 187 -11.73 -26.74 1.76
N HIS A 188 -12.55 -25.72 1.50
CA HIS A 188 -13.99 -25.82 1.46
C HIS A 188 -14.53 -24.62 0.71
N MET A 189 -15.84 -24.60 0.46
CA MET A 189 -16.48 -23.58 -0.35
C MET A 189 -17.84 -23.24 0.24
N THR A 190 -18.14 -21.93 0.33
CA THR A 190 -19.42 -21.49 0.86
C THR A 190 -20.15 -20.72 -0.24
N HIS A 191 -21.48 -20.60 -0.12
CA HIS A 191 -22.32 -19.91 -1.09
C HIS A 191 -23.41 -19.11 -0.37
N HIS A 192 -23.33 -17.78 -0.49
CA HIS A 192 -24.25 -16.85 0.16
C HIS A 192 -24.97 -16.00 -0.87
N PRO A 193 -26.32 -15.98 -0.92
CA PRO A 193 -27.00 -15.14 -1.92
C PRO A 193 -26.97 -13.65 -1.54
N ILE A 194 -26.57 -12.78 -2.49
CA ILE A 194 -26.57 -11.32 -2.31
C ILE A 194 -28.03 -10.86 -2.54
N SER A 195 -28.65 -11.41 -3.59
CA SER A 195 -30.01 -11.15 -4.07
C SER A 195 -30.47 -12.36 -4.94
N ASP A 196 -31.70 -12.31 -5.47
CA ASP A 196 -32.27 -13.30 -6.39
C ASP A 196 -31.69 -13.11 -7.82
N HIS A 197 -30.88 -12.04 -7.99
CA HIS A 197 -30.19 -11.64 -9.20
C HIS A 197 -28.73 -12.21 -9.19
N GLU A 198 -28.00 -12.10 -8.04
CA GLU A 198 -26.61 -12.57 -7.88
C GLU A 198 -26.30 -13.29 -6.53
N ALA A 199 -25.02 -13.71 -6.34
CA ALA A 199 -24.55 -14.39 -5.13
C ALA A 199 -23.01 -14.34 -4.93
N THR A 200 -22.58 -14.49 -3.66
CA THR A 200 -21.16 -14.55 -3.28
C THR A 200 -20.72 -15.99 -3.16
N LEU A 201 -19.62 -16.31 -3.84
CA LEU A 201 -19.01 -17.61 -3.74
C LEU A 201 -17.69 -17.45 -2.98
N ARG A 202 -17.66 -17.89 -1.72
CA ARG A 202 -16.44 -17.83 -0.92
C ARG A 202 -15.72 -19.15 -0.98
N CYS A 203 -14.40 -19.09 -1.00
CA CYS A 203 -13.56 -20.26 -1.03
C CYS A 203 -12.42 -20.11 -0.01
N TRP A 204 -12.37 -21.00 0.97
CA TRP A 204 -11.47 -21.00 2.11
C TRP A 204 -10.30 -21.96 2.04
N ALA A 205 -9.20 -21.57 2.70
CA ALA A 205 -7.99 -22.33 3.02
C ALA A 205 -7.81 -22.16 4.58
N LEU A 206 -7.79 -23.27 5.33
CA LEU A 206 -7.66 -23.24 6.78
C LEU A 206 -6.61 -24.24 7.29
N GLY A 207 -6.02 -23.94 8.44
CA GLY A 207 -5.01 -24.76 9.10
C GLY A 207 -3.74 -25.05 8.30
N PHE A 208 -3.20 -24.06 7.59
CA PHE A 208 -1.99 -24.32 6.82
C PHE A 208 -0.70 -23.64 7.35
N TYR A 209 0.47 -24.30 7.08
CA TYR A 209 1.81 -23.86 7.46
C TYR A 209 2.84 -24.26 6.39
N PRO A 210 3.67 -23.31 5.88
CA PRO A 210 3.75 -21.87 6.25
C PRO A 210 2.62 -21.00 5.69
N ALA A 211 2.73 -19.68 5.87
CA ALA A 211 1.73 -18.69 5.43
C ALA A 211 1.69 -18.45 3.90
N GLU A 212 2.69 -18.99 3.14
CA GLU A 212 2.71 -18.79 1.69
C GLU A 212 1.66 -19.63 1.04
N ILE A 213 0.65 -18.95 0.49
CA ILE A 213 -0.50 -19.55 -0.17
C ILE A 213 -0.87 -18.65 -1.33
N THR A 214 -1.60 -19.20 -2.29
CA THR A 214 -2.09 -18.50 -3.47
C THR A 214 -3.51 -18.96 -3.70
N LEU A 215 -4.43 -17.99 -3.74
CA LEU A 215 -5.85 -18.23 -3.99
C LEU A 215 -6.25 -17.43 -5.21
N THR A 216 -6.75 -18.14 -6.26
CA THR A 216 -7.18 -17.53 -7.53
C THR A 216 -8.47 -18.11 -8.11
N TRP A 217 -9.40 -17.23 -8.49
CA TRP A 217 -10.68 -17.55 -9.12
C TRP A 217 -10.53 -17.56 -10.63
N GLN A 218 -11.38 -18.37 -11.30
CA GLN A 218 -11.43 -18.52 -12.75
C GLN A 218 -12.88 -18.69 -13.18
N ARG A 219 -13.36 -17.80 -14.10
CA ARG A 219 -14.69 -17.87 -14.74
C ARG A 219 -14.43 -18.48 -16.13
N ASP A 220 -14.91 -19.73 -16.38
CA ASP A 220 -14.75 -20.50 -17.63
C ASP A 220 -13.27 -20.74 -18.01
N GLY A 221 -12.44 -21.05 -17.01
CA GLY A 221 -11.01 -21.30 -17.19
C GLY A 221 -10.15 -20.10 -17.55
N GLU A 222 -10.63 -18.88 -17.25
CA GLU A 222 -9.93 -17.63 -17.55
C GLU A 222 -9.93 -16.73 -16.30
N ASP A 223 -8.72 -16.55 -15.72
CA ASP A 223 -8.39 -15.81 -14.50
C ASP A 223 -9.21 -14.53 -14.26
N GLN A 224 -9.82 -14.47 -13.08
CA GLN A 224 -10.63 -13.34 -12.65
C GLN A 224 -9.96 -12.55 -11.53
N THR A 225 -10.03 -11.24 -11.66
CA THR A 225 -9.45 -10.26 -10.73
C THR A 225 -10.38 -9.03 -10.67
N GLN A 226 -11.41 -9.00 -11.57
CA GLN A 226 -12.40 -7.93 -11.68
C GLN A 226 -13.26 -7.76 -10.43
N ASP A 227 -13.88 -8.85 -9.92
CA ASP A 227 -14.72 -8.78 -8.72
C ASP A 227 -14.34 -9.84 -7.68
N THR A 228 -13.04 -9.85 -7.26
CA THR A 228 -12.46 -10.78 -6.28
C THR A 228 -12.09 -10.11 -4.94
N GLU A 229 -12.71 -10.56 -3.82
CA GLU A 229 -12.43 -10.07 -2.47
C GLU A 229 -11.46 -11.03 -1.78
N LEU A 230 -10.16 -10.66 -1.70
CA LEU A 230 -9.10 -11.51 -1.14
C LEU A 230 -8.49 -10.94 0.15
N VAL A 231 -8.95 -11.46 1.30
CA VAL A 231 -8.48 -11.06 2.63
C VAL A 231 -6.99 -11.42 2.88
N GLU A 232 -6.33 -10.71 3.82
CA GLU A 232 -4.94 -11.00 4.14
C GLU A 232 -4.79 -12.27 4.99
N THR A 233 -3.73 -13.08 4.70
CA THR A 233 -3.45 -14.28 5.48
C THR A 233 -3.47 -13.92 6.98
N ARG A 234 -4.35 -14.57 7.72
CA ARG A 234 -4.53 -14.30 9.14
C ARG A 234 -4.14 -15.50 9.96
N PRO A 235 -3.54 -15.30 11.16
CA PRO A 235 -3.21 -16.44 12.00
C PRO A 235 -4.49 -17.01 12.62
N ALA A 236 -4.61 -18.33 12.66
CA ALA A 236 -5.75 -18.99 13.29
C ALA A 236 -5.58 -18.94 14.84
N GLY A 237 -4.33 -18.79 15.31
CA GLY A 237 -4.00 -18.71 16.72
C GLY A 237 -3.32 -19.96 17.25
N ASP A 238 -3.40 -21.07 16.49
CA ASP A 238 -2.77 -22.34 16.89
C ASP A 238 -1.43 -22.59 16.18
N GLY A 239 -0.95 -21.58 15.46
CA GLY A 239 0.29 -21.68 14.70
C GLY A 239 0.07 -22.14 13.28
N THR A 240 -1.13 -21.82 12.74
CA THR A 240 -1.53 -22.13 11.37
C THR A 240 -2.23 -20.91 10.82
N PHE A 241 -2.41 -20.87 9.51
CA PHE A 241 -3.01 -19.72 8.89
C PHE A 241 -4.33 -19.99 8.23
N GLN A 242 -4.99 -18.91 7.88
CA GLN A 242 -6.28 -18.91 7.23
C GLN A 242 -6.29 -17.85 6.13
N LYS A 243 -7.04 -18.10 5.05
CA LYS A 243 -7.27 -17.18 3.93
C LYS A 243 -8.52 -17.61 3.15
N TRP A 244 -9.15 -16.66 2.45
CA TRP A 244 -10.31 -16.87 1.59
C TRP A 244 -10.36 -15.87 0.47
N ALA A 245 -11.01 -16.26 -0.65
CA ALA A 245 -11.25 -15.46 -1.84
C ALA A 245 -12.72 -15.56 -2.17
N ALA A 246 -13.40 -14.43 -2.21
CA ALA A 246 -14.80 -14.38 -2.58
C ALA A 246 -14.92 -13.86 -4.01
N VAL A 247 -16.07 -14.14 -4.66
CA VAL A 247 -16.34 -13.70 -6.04
C VAL A 247 -17.84 -13.45 -6.21
N VAL A 248 -18.18 -12.38 -6.95
CA VAL A 248 -19.56 -12.03 -7.25
C VAL A 248 -19.94 -12.75 -8.56
N VAL A 249 -20.96 -13.62 -8.44
CA VAL A 249 -21.45 -14.50 -9.49
C VAL A 249 -22.96 -14.29 -9.73
N PRO A 250 -23.41 -14.17 -11.01
CA PRO A 250 -24.87 -14.07 -11.27
C PRO A 250 -25.55 -15.41 -10.99
N SER A 251 -26.82 -15.39 -10.57
CA SER A 251 -27.61 -16.59 -10.25
C SER A 251 -27.61 -17.62 -11.40
N GLY A 252 -27.08 -18.82 -11.10
CA GLY A 252 -26.98 -19.94 -12.03
C GLY A 252 -25.62 -20.15 -12.68
N GLU A 253 -24.79 -19.11 -12.69
CA GLU A 253 -23.47 -19.14 -13.32
C GLU A 253 -22.39 -19.84 -12.47
N GLU A 254 -22.72 -20.23 -11.22
CA GLU A 254 -21.83 -20.84 -10.23
C GLU A 254 -20.92 -21.98 -10.76
N GLN A 255 -21.41 -22.81 -11.71
CA GLN A 255 -20.65 -23.93 -12.29
C GLN A 255 -19.59 -23.51 -13.34
N ARG A 256 -19.53 -22.19 -13.68
CA ARG A 256 -18.54 -21.62 -14.61
C ARG A 256 -17.27 -21.27 -13.85
N TYR A 257 -17.41 -21.05 -12.54
CA TYR A 257 -16.33 -20.65 -11.63
C TYR A 257 -15.61 -21.79 -10.89
N THR A 258 -14.26 -21.65 -10.76
CA THR A 258 -13.37 -22.53 -10.00
C THR A 258 -12.35 -21.74 -9.17
N CYS A 259 -12.13 -22.20 -7.92
CA CYS A 259 -11.17 -21.65 -6.97
C CYS A 259 -9.92 -22.49 -7.03
N HIS A 260 -8.75 -21.83 -7.08
CA HIS A 260 -7.46 -22.51 -7.23
C HIS A 260 -6.49 -22.16 -6.10
N VAL A 261 -6.08 -23.22 -5.39
CA VAL A 261 -5.23 -23.21 -4.20
C VAL A 261 -3.84 -23.72 -4.51
N GLN A 262 -2.81 -22.89 -4.23
CA GLN A 262 -1.41 -23.27 -4.40
C GLN A 262 -0.67 -23.18 -3.02
N HIS A 263 -0.27 -24.34 -2.46
CA HIS A 263 0.45 -24.41 -1.17
C HIS A 263 1.58 -25.44 -1.24
N GLU A 264 2.70 -25.21 -0.50
CA GLU A 264 3.82 -26.15 -0.54
C GLU A 264 3.58 -27.50 0.25
N GLY A 265 2.34 -27.73 0.68
CA GLY A 265 1.94 -28.97 1.34
C GLY A 265 1.06 -29.77 0.40
N LEU A 266 0.77 -29.14 -0.77
CA LEU A 266 -0.04 -29.70 -1.84
C LEU A 266 0.88 -30.18 -2.98
N PRO A 267 0.79 -31.48 -3.39
CA PRO A 267 1.62 -31.95 -4.51
C PRO A 267 1.21 -31.25 -5.81
N LYS A 268 -0.11 -31.20 -6.09
CA LYS A 268 -0.70 -30.55 -7.25
C LYS A 268 -1.77 -29.54 -6.79
N PRO A 269 -1.86 -28.34 -7.45
CA PRO A 269 -2.89 -27.36 -7.05
C PRO A 269 -4.33 -27.88 -7.09
N LEU A 270 -5.02 -27.82 -5.93
CA LEU A 270 -6.41 -28.22 -5.75
C LEU A 270 -7.32 -27.25 -6.49
N THR A 271 -8.33 -27.79 -7.16
CA THR A 271 -9.36 -27.00 -7.86
C THR A 271 -10.65 -27.19 -7.07
N LEU A 272 -11.45 -26.13 -6.94
CA LEU A 272 -12.69 -26.22 -6.17
C LEU A 272 -13.92 -25.74 -6.95
N ARG A 273 -14.95 -26.58 -6.99
CA ARG A 273 -16.18 -26.25 -7.70
C ARG A 273 -17.39 -26.37 -6.78
N TRP A 274 -18.43 -25.61 -7.09
CA TRP A 274 -19.65 -25.62 -6.30
C TRP A 274 -20.71 -26.51 -6.93
N GLU A 275 -21.28 -27.46 -6.16
CA GLU A 275 -20.92 -27.67 -4.77
C GLU A 275 -19.82 -28.72 -4.63
N ILE B 2 2.86 9.89 7.36
CA ILE B 2 2.76 10.14 8.80
C ILE B 2 2.22 8.87 9.47
N GLN B 3 0.89 8.59 9.41
CA GLN B 3 0.17 7.49 10.07
C GLN B 3 -0.75 6.64 9.14
N ARG B 4 -0.93 5.35 9.46
CA ARG B 4 -1.79 4.41 8.71
C ARG B 4 -2.88 3.85 9.66
N THR B 5 -4.07 3.51 9.10
CA THR B 5 -5.24 2.99 9.85
C THR B 5 -5.21 1.47 9.97
N PRO B 6 -5.64 0.87 11.10
CA PRO B 6 -5.70 -0.59 11.17
C PRO B 6 -6.76 -1.21 10.21
N LYS B 7 -6.43 -2.41 9.73
CA LYS B 7 -7.28 -3.20 8.88
C LYS B 7 -7.69 -4.32 9.81
N ILE B 8 -8.95 -4.32 10.21
CA ILE B 8 -9.51 -5.24 11.20
C ILE B 8 -10.14 -6.54 10.60
N GLN B 9 -10.03 -7.69 11.32
CA GLN B 9 -10.59 -8.98 10.92
C GLN B 9 -11.10 -9.77 12.12
N VAL B 10 -12.41 -9.96 12.22
CA VAL B 10 -12.95 -10.75 13.34
C VAL B 10 -13.43 -12.09 12.75
N TYR B 11 -12.88 -13.19 13.29
CA TYR B 11 -13.06 -14.57 12.85
C TYR B 11 -12.75 -15.54 13.99
N SER B 12 -12.95 -16.83 13.75
CA SER B 12 -12.70 -17.85 14.78
C SER B 12 -11.49 -18.73 14.42
N ARG B 13 -10.93 -19.49 15.40
CA ARG B 13 -9.83 -20.42 15.15
C ARG B 13 -10.36 -21.53 14.23
N HIS B 14 -11.30 -22.35 14.74
CA HIS B 14 -11.94 -23.46 14.03
C HIS B 14 -13.32 -23.07 13.46
N PRO B 15 -13.87 -23.76 12.43
CA PRO B 15 -15.21 -23.37 11.92
C PRO B 15 -16.28 -23.39 13.01
N ALA B 16 -17.13 -22.35 13.02
CA ALA B 16 -18.17 -22.17 14.01
C ALA B 16 -19.28 -23.20 13.92
N GLU B 17 -19.60 -23.75 15.10
CA GLU B 17 -20.64 -24.75 15.35
C GLU B 17 -21.30 -24.33 16.65
N ASN B 18 -22.62 -24.02 16.60
CA ASN B 18 -23.39 -23.58 17.76
C ASN B 18 -23.39 -24.66 18.84
N GLY B 19 -22.75 -24.35 19.97
CA GLY B 19 -22.64 -25.25 21.10
C GLY B 19 -21.27 -25.81 21.41
N LYS B 20 -20.28 -25.59 20.49
CA LYS B 20 -18.92 -26.05 20.72
C LYS B 20 -17.94 -24.93 21.07
N SER B 21 -16.98 -25.22 21.98
CA SER B 21 -15.99 -24.22 22.37
C SER B 21 -14.92 -24.01 21.29
N ASN B 22 -14.66 -22.73 21.00
CA ASN B 22 -13.72 -22.24 19.99
C ASN B 22 -12.84 -21.10 20.58
N PHE B 23 -12.34 -20.23 19.69
CA PHE B 23 -11.54 -19.05 19.97
C PHE B 23 -11.99 -17.90 19.10
N LEU B 24 -12.27 -16.76 19.72
CA LEU B 24 -12.66 -15.58 18.97
C LEU B 24 -11.40 -14.77 18.73
N ASN B 25 -11.17 -14.43 17.46
CA ASN B 25 -9.96 -13.70 17.04
C ASN B 25 -10.27 -12.34 16.45
N CYS B 26 -9.42 -11.35 16.70
CA CYS B 26 -9.49 -10.02 16.08
C CYS B 26 -8.05 -9.67 15.67
N TYR B 27 -7.75 -9.81 14.39
CA TYR B 27 -6.43 -9.53 13.84
C TYR B 27 -6.39 -8.11 13.30
N VAL B 28 -5.39 -7.32 13.71
CA VAL B 28 -5.24 -5.92 13.24
C VAL B 28 -3.89 -5.69 12.62
N SER B 29 -3.85 -4.94 11.53
CA SER B 29 -2.58 -4.75 10.84
C SER B 29 -2.52 -3.53 9.93
N GLY B 30 -1.32 -3.23 9.48
CA GLY B 30 -1.02 -2.12 8.59
C GLY B 30 -1.15 -0.76 9.23
N PHE B 31 -1.25 -0.73 10.56
CA PHE B 31 -1.41 0.53 11.27
C PHE B 31 -0.09 1.13 11.73
N HIS B 32 -0.16 2.46 12.00
CA HIS B 32 0.93 3.22 12.52
C HIS B 32 0.46 4.52 13.18
N PRO B 33 0.89 4.87 14.41
CA PRO B 33 1.80 4.17 15.34
C PRO B 33 1.20 2.87 15.94
N SER B 34 1.94 2.26 16.87
CA SER B 34 1.62 0.96 17.44
C SER B 34 0.54 0.94 18.50
N ASP B 35 0.25 2.10 19.13
CA ASP B 35 -0.73 2.18 20.22
C ASP B 35 -2.12 2.04 19.65
N ILE B 36 -2.78 0.93 20.03
CA ILE B 36 -4.07 0.47 19.54
C ILE B 36 -4.85 -0.21 20.68
N GLU B 37 -6.13 0.06 20.76
CA GLU B 37 -6.96 -0.51 21.80
C GLU B 37 -7.92 -1.47 21.14
N VAL B 38 -7.75 -2.78 21.39
CA VAL B 38 -8.64 -3.81 20.87
C VAL B 38 -9.45 -4.42 22.01
N ASP B 39 -10.75 -4.52 21.79
CA ASP B 39 -11.72 -5.08 22.74
C ASP B 39 -12.61 -6.06 21.98
N LEU B 40 -12.79 -7.25 22.53
CA LEU B 40 -13.67 -8.27 21.99
C LEU B 40 -14.97 -8.15 22.82
N LEU B 41 -16.13 -8.14 22.12
CA LEU B 41 -17.42 -7.94 22.77
C LEU B 41 -18.34 -9.14 22.67
N LYS B 42 -19.13 -9.39 23.73
CA LYS B 42 -20.20 -10.39 23.75
C LYS B 42 -21.46 -9.64 24.09
N ASN B 43 -22.37 -9.55 23.11
CA ASN B 43 -23.67 -8.84 23.17
C ASN B 43 -23.46 -7.34 23.59
N GLY B 44 -22.45 -6.74 22.96
CA GLY B 44 -22.05 -5.35 23.15
C GLY B 44 -21.21 -5.08 24.38
N GLU B 45 -20.98 -6.12 25.21
CA GLU B 45 -20.19 -5.97 26.44
C GLU B 45 -18.75 -6.54 26.34
N ARG B 46 -17.75 -5.75 26.84
CA ARG B 46 -16.31 -6.07 26.89
C ARG B 46 -16.01 -7.42 27.57
N ILE B 47 -15.27 -8.29 26.87
CA ILE B 47 -14.88 -9.56 27.41
C ILE B 47 -13.61 -9.30 28.20
N GLU B 48 -13.58 -9.79 29.45
CA GLU B 48 -12.43 -9.69 30.37
C GLU B 48 -11.49 -10.90 30.17
N LYS B 49 -10.16 -10.67 30.26
CA LYS B 49 -9.14 -11.72 30.11
C LYS B 49 -9.01 -12.11 28.60
N VAL B 50 -8.72 -11.09 27.80
CA VAL B 50 -8.56 -11.22 26.36
C VAL B 50 -7.07 -11.13 26.08
N GLU B 51 -6.49 -12.26 25.73
CA GLU B 51 -5.07 -12.35 25.44
C GLU B 51 -4.68 -11.75 24.09
N HIS B 52 -3.43 -11.30 23.94
CA HIS B 52 -2.90 -10.77 22.68
C HIS B 52 -1.46 -11.13 22.40
N SER B 53 -1.12 -11.19 21.11
CA SER B 53 0.24 -11.47 20.67
C SER B 53 1.16 -10.29 21.01
N ASP B 54 2.46 -10.55 21.02
CA ASP B 54 3.49 -9.55 21.27
C ASP B 54 3.64 -8.72 19.99
N LEU B 55 3.71 -7.39 20.14
CA LEU B 55 3.84 -6.45 19.01
C LEU B 55 4.99 -6.77 18.04
N SER B 56 4.62 -7.01 16.79
CA SER B 56 5.48 -7.36 15.68
C SER B 56 5.08 -6.51 14.47
N PHE B 57 5.89 -6.54 13.41
CA PHE B 57 5.68 -5.85 12.15
C PHE B 57 6.21 -6.70 11.01
N SER B 58 5.82 -6.38 9.80
CA SER B 58 6.23 -7.04 8.58
C SER B 58 7.37 -6.25 7.89
N LYS B 59 7.96 -6.81 6.80
CA LYS B 59 9.07 -6.20 6.02
C LYS B 59 8.84 -4.74 5.61
N ASP B 60 7.54 -4.34 5.47
CA ASP B 60 7.08 -3.00 5.09
C ASP B 60 6.86 -2.07 6.29
N TRP B 61 7.39 -2.46 7.49
CA TRP B 61 7.38 -1.76 8.78
C TRP B 61 6.00 -1.68 9.51
N SER B 62 4.89 -2.05 8.86
CA SER B 62 3.56 -1.93 9.48
C SER B 62 3.30 -3.02 10.52
N PHE B 63 2.75 -2.61 11.68
CA PHE B 63 2.41 -3.46 12.84
C PHE B 63 1.27 -4.43 12.58
N TYR B 64 1.20 -5.48 13.42
CA TYR B 64 0.16 -6.49 13.46
C TYR B 64 0.01 -7.09 14.87
N LEU B 65 -1.22 -7.38 15.25
CA LEU B 65 -1.57 -7.94 16.54
C LEU B 65 -2.73 -8.89 16.44
N LEU B 66 -2.73 -9.89 17.29
CA LEU B 66 -3.85 -10.82 17.39
C LEU B 66 -4.35 -10.83 18.84
N TYR B 67 -5.59 -10.35 19.04
CA TYR B 67 -6.28 -10.44 20.32
C TYR B 67 -7.19 -11.66 20.16
N TYR B 68 -7.34 -12.48 21.24
CA TYR B 68 -8.14 -13.71 21.22
C TYR B 68 -8.63 -14.13 22.61
N THR B 69 -9.74 -14.89 22.65
CA THR B 69 -10.36 -15.47 23.85
C THR B 69 -11.17 -16.71 23.48
N GLU B 70 -11.42 -17.59 24.46
CA GLU B 70 -12.30 -18.75 24.25
C GLU B 70 -13.74 -18.23 24.16
N PHE B 71 -14.60 -19.01 23.52
CA PHE B 71 -16.03 -18.73 23.39
C PHE B 71 -16.75 -19.94 22.86
N THR B 72 -18.02 -20.11 23.28
CA THR B 72 -18.86 -21.21 22.82
C THR B 72 -20.00 -20.61 21.94
N PRO B 73 -19.80 -20.48 20.61
CA PRO B 73 -20.84 -19.86 19.75
C PRO B 73 -22.26 -20.39 19.93
N THR B 74 -23.23 -19.48 19.94
CA THR B 74 -24.65 -19.78 20.05
C THR B 74 -25.39 -18.83 19.13
N GLU B 75 -26.42 -19.34 18.42
CA GLU B 75 -27.31 -18.61 17.51
C GLU B 75 -27.94 -17.41 18.25
N LYS B 76 -28.08 -17.55 19.56
CA LYS B 76 -28.62 -16.57 20.51
C LYS B 76 -27.72 -15.34 20.67
N ASP B 77 -26.41 -15.57 20.95
CA ASP B 77 -25.45 -14.52 21.26
C ASP B 77 -24.67 -13.98 20.05
N GLU B 78 -24.26 -12.71 20.18
CA GLU B 78 -23.59 -11.87 19.19
C GLU B 78 -22.16 -11.50 19.60
N TYR B 79 -21.21 -11.50 18.65
CA TYR B 79 -19.81 -11.14 18.92
C TYR B 79 -19.24 -10.07 17.97
N ALA B 80 -18.23 -9.29 18.44
CA ALA B 80 -17.59 -8.22 17.63
C ALA B 80 -16.32 -7.69 18.24
N CYS B 81 -15.47 -7.03 17.46
CA CYS B 81 -14.35 -6.39 18.13
C CYS B 81 -14.38 -4.86 17.89
N ARG B 82 -14.08 -4.10 18.96
CA ARG B 82 -14.12 -2.65 18.96
C ARG B 82 -12.68 -2.16 18.96
N VAL B 83 -12.31 -1.39 17.95
CA VAL B 83 -10.92 -0.97 17.78
C VAL B 83 -10.75 0.54 17.88
N ASN B 84 -9.68 0.97 18.56
CA ASN B 84 -9.36 2.39 18.65
C ASN B 84 -7.93 2.67 18.25
N HIS B 85 -7.75 3.76 17.50
CA HIS B 85 -6.46 4.21 17.01
C HIS B 85 -6.54 5.73 16.79
N VAL B 86 -5.37 6.41 16.76
CA VAL B 86 -5.26 7.85 16.59
C VAL B 86 -5.79 8.29 15.21
N THR B 87 -5.85 7.35 14.24
CA THR B 87 -6.35 7.60 12.88
C THR B 87 -7.89 7.53 12.75
N LEU B 88 -8.59 7.22 13.86
CA LEU B 88 -10.05 7.12 13.89
C LEU B 88 -10.57 8.11 14.92
N SER B 89 -11.53 8.96 14.47
CA SER B 89 -12.23 10.00 15.24
C SER B 89 -13.10 9.39 16.34
N GLN B 90 -13.41 8.07 16.18
CA GLN B 90 -14.24 7.26 17.06
C GLN B 90 -13.97 5.74 16.91
N PRO B 91 -14.23 4.95 17.98
CA PRO B 91 -14.05 3.48 17.90
C PRO B 91 -14.79 2.81 16.75
N LYS B 92 -14.10 1.86 16.10
CA LYS B 92 -14.53 1.08 14.95
C LYS B 92 -15.05 -0.26 15.42
N ILE B 93 -16.34 -0.53 15.14
CA ILE B 93 -16.96 -1.80 15.51
C ILE B 93 -17.12 -2.68 14.25
N VAL B 94 -16.58 -3.92 14.31
CA VAL B 94 -16.67 -4.94 13.27
C VAL B 94 -17.36 -6.17 13.90
N LYS B 95 -18.57 -6.53 13.40
CA LYS B 95 -19.33 -7.69 13.87
C LYS B 95 -18.73 -9.00 13.37
N TRP B 96 -18.96 -10.09 14.11
CA TRP B 96 -18.52 -11.42 13.71
C TRP B 96 -19.60 -12.20 12.94
N ASP B 97 -19.30 -12.48 11.69
CA ASP B 97 -20.09 -13.27 10.77
C ASP B 97 -19.32 -14.58 10.71
N ARG B 98 -19.97 -15.70 11.02
CA ARG B 98 -19.32 -17.01 10.92
C ARG B 98 -18.96 -17.38 9.44
N ASP B 99 -19.41 -16.53 8.47
CA ASP B 99 -19.24 -16.68 7.02
C ASP B 99 -18.32 -15.60 6.38
N MET B 100 -18.08 -14.47 7.12
CA MET B 100 -17.26 -13.25 6.82
C MET B 100 -18.02 -12.14 6.03
N ILE C 1 19.45 -16.25 17.91
CA ILE C 1 20.63 -15.71 18.58
C ILE C 1 20.76 -14.20 18.35
N TYR C 2 20.41 -13.39 19.36
CA TYR C 2 20.51 -11.93 19.29
C TYR C 2 21.95 -11.45 18.96
N PHE C 3 22.10 -10.32 18.22
CA PHE C 3 23.43 -9.84 17.88
C PHE C 3 24.12 -9.30 19.10
N SER C 4 25.47 -9.41 19.16
CA SER C 4 26.20 -8.93 20.32
C SER C 4 26.22 -7.40 20.25
N PRO C 5 26.38 -6.71 21.40
CA PRO C 5 26.25 -5.26 21.38
C PRO C 5 27.02 -4.51 20.32
N ILE C 6 26.33 -3.50 19.75
CA ILE C 6 26.84 -2.48 18.83
C ILE C 6 26.83 -1.26 19.74
N ARG C 7 28.02 -0.83 20.15
CA ARG C 7 28.11 0.26 21.10
C ARG C 7 28.24 1.64 20.38
N VAL C 8 27.56 1.76 19.23
CA VAL C 8 27.55 2.91 18.34
C VAL C 8 26.09 3.35 18.09
N THR C 9 25.81 4.58 18.47
CA THR C 9 24.51 5.18 18.36
C THR C 9 24.37 5.95 17.04
N PHE C 10 23.18 6.56 16.80
CA PHE C 10 22.87 7.35 15.60
C PHE C 10 23.76 8.60 15.38
N GLY D 1 -14.33 -2.10 -24.62
CA GLY D 1 -14.51 -3.06 -23.53
C GLY D 1 -15.15 -2.46 -22.29
N SER D 2 -14.41 -2.43 -21.16
CA SER D 2 -14.87 -1.81 -19.92
C SER D 2 -14.35 -0.37 -19.87
N HIS D 3 -15.27 0.61 -19.76
CA HIS D 3 -14.90 2.02 -19.79
C HIS D 3 -15.37 2.82 -18.61
N SER D 4 -14.62 3.86 -18.27
CA SER D 4 -14.92 4.70 -17.12
C SER D 4 -14.78 6.18 -17.42
N MET D 5 -15.63 6.97 -16.75
CA MET D 5 -15.69 8.43 -16.77
C MET D 5 -15.45 8.89 -15.30
N ARG D 6 -14.46 9.75 -15.09
CA ARG D 6 -14.16 10.25 -13.77
C ARG D 6 -13.84 11.71 -13.77
N TYR D 7 -14.28 12.40 -12.74
CA TYR D 7 -13.93 13.79 -12.53
C TYR D 7 -13.42 13.81 -11.13
N PHE D 8 -12.25 14.47 -10.98
CA PHE D 8 -11.49 14.62 -9.73
C PHE D 8 -11.38 16.10 -9.43
N SER D 9 -11.92 16.56 -8.27
CA SER D 9 -11.92 17.98 -7.87
C SER D 9 -11.18 18.17 -6.62
N THR D 10 -10.50 19.32 -6.51
CA THR D 10 -9.70 19.66 -5.34
C THR D 10 -9.90 21.12 -4.99
N SER D 11 -10.34 21.38 -3.76
CA SER D 11 -10.52 22.73 -3.26
C SER D 11 -9.58 22.94 -2.09
N VAL D 12 -8.72 23.97 -2.20
CA VAL D 12 -7.71 24.23 -1.15
C VAL D 12 -7.83 25.64 -0.60
N SER D 13 -8.11 25.77 0.69
CA SER D 13 -8.17 27.04 1.39
C SER D 13 -6.77 27.59 1.61
N ARG D 14 -6.61 28.92 1.48
CA ARG D 14 -5.34 29.61 1.72
C ARG D 14 -5.62 30.85 2.60
N PRO D 15 -5.81 30.66 3.92
CA PRO D 15 -6.11 31.82 4.79
C PRO D 15 -5.09 32.97 4.62
N GLY D 16 -5.60 34.09 4.15
CA GLY D 16 -4.80 35.28 3.87
C GLY D 16 -4.70 35.52 2.38
N ARG D 17 -3.98 34.62 1.66
CA ARG D 17 -3.73 34.62 0.21
C ARG D 17 -5.00 34.99 -0.64
N GLY D 18 -6.17 34.67 -0.12
CA GLY D 18 -7.44 34.98 -0.78
C GLY D 18 -8.43 33.84 -0.69
N GLU D 19 -9.22 33.69 -1.74
CA GLU D 19 -10.25 32.65 -1.92
C GLU D 19 -9.59 31.25 -2.14
N PRO D 20 -10.24 30.13 -1.78
CA PRO D 20 -9.64 28.83 -2.08
C PRO D 20 -9.58 28.57 -3.61
N ARG D 21 -8.55 27.84 -4.06
CA ARG D 21 -8.39 27.48 -5.47
C ARG D 21 -9.13 26.19 -5.64
N PHE D 22 -9.80 26.03 -6.80
CA PHE D 22 -10.51 24.84 -7.23
C PHE D 22 -9.97 24.42 -8.60
N ILE D 23 -9.75 23.10 -8.76
CA ILE D 23 -9.28 22.42 -9.96
C ILE D 23 -10.08 21.16 -10.11
N ALA D 24 -10.74 21.01 -11.25
CA ALA D 24 -11.47 19.81 -11.59
C ALA D 24 -10.92 19.32 -12.93
N VAL D 25 -10.58 18.01 -13.00
CA VAL D 25 -10.04 17.37 -14.19
C VAL D 25 -10.99 16.25 -14.56
N GLY D 26 -11.18 16.03 -15.86
CA GLY D 26 -12.06 14.96 -16.35
C GLY D 26 -11.30 13.90 -17.11
N TYR D 27 -11.55 12.64 -16.80
CA TYR D 27 -10.89 11.52 -17.46
C TYR D 27 -11.89 10.57 -18.09
N VAL D 28 -11.53 10.06 -19.29
CA VAL D 28 -12.17 8.96 -20.00
C VAL D 28 -11.05 7.94 -19.96
N ASP D 29 -11.26 6.88 -19.16
CA ASP D 29 -10.30 5.82 -18.85
C ASP D 29 -9.01 6.44 -18.33
N ASP D 30 -7.89 6.40 -19.05
CA ASP D 30 -6.63 7.00 -18.58
C ASP D 30 -6.29 8.34 -19.24
N THR D 31 -7.21 8.86 -20.07
CA THR D 31 -7.05 10.13 -20.81
C THR D 31 -7.78 11.36 -20.19
N GLN D 32 -7.01 12.37 -19.82
CA GLN D 32 -7.55 13.62 -19.29
C GLN D 32 -8.07 14.40 -20.50
N PHE D 33 -9.33 14.91 -20.43
CA PHE D 33 -9.87 15.62 -21.57
C PHE D 33 -10.29 17.08 -21.28
N VAL D 34 -10.47 17.47 -19.99
CA VAL D 34 -10.85 18.83 -19.55
C VAL D 34 -10.15 19.25 -18.27
N ARG D 35 -10.14 20.55 -18.04
CA ARG D 35 -9.70 21.18 -16.81
C ARG D 35 -10.52 22.43 -16.54
N PHE D 36 -10.62 22.77 -15.27
CA PHE D 36 -11.24 23.99 -14.81
C PHE D 36 -10.38 24.41 -13.66
N ASP D 37 -9.80 25.58 -13.73
CA ASP D 37 -8.98 26.14 -12.66
C ASP D 37 -9.60 27.48 -12.25
N SER D 38 -9.94 27.63 -10.98
CA SER D 38 -10.49 28.88 -10.48
C SER D 38 -9.40 30.00 -10.50
N ASP D 39 -8.13 29.61 -10.36
CA ASP D 39 -6.97 30.51 -10.40
C ASP D 39 -6.53 30.89 -11.82
N ALA D 40 -7.24 30.39 -12.86
CA ALA D 40 -6.88 30.72 -14.24
C ALA D 40 -7.56 32.03 -14.68
N ALA D 41 -6.96 32.71 -15.68
CA ALA D 41 -7.52 33.96 -16.23
C ALA D 41 -8.80 33.62 -17.02
N SER D 42 -8.74 32.60 -17.92
CA SER D 42 -9.80 32.09 -18.79
C SER D 42 -11.15 32.03 -18.10
N GLN D 43 -11.20 31.27 -16.97
CA GLN D 43 -12.36 31.03 -16.09
C GLN D 43 -13.41 30.13 -16.75
N ARG D 44 -12.96 29.25 -17.66
CA ARG D 44 -13.80 28.31 -18.41
C ARG D 44 -13.30 26.83 -18.36
N MET D 45 -14.17 25.88 -18.71
CA MET D 45 -13.83 24.48 -18.80
C MET D 45 -13.06 24.41 -20.13
N GLU D 46 -11.78 24.16 -20.05
CA GLU D 46 -10.92 24.19 -21.24
C GLU D 46 -10.68 22.78 -21.72
N PRO D 47 -10.50 22.53 -23.05
CA PRO D 47 -10.20 21.17 -23.53
C PRO D 47 -8.73 20.81 -23.30
N ARG D 48 -8.46 19.51 -23.08
CA ARG D 48 -7.15 18.95 -22.83
C ARG D 48 -6.95 17.60 -23.58
N ALA D 49 -7.68 17.44 -24.71
CA ALA D 49 -7.66 16.27 -25.61
C ALA D 49 -8.22 16.76 -26.96
N PRO D 50 -7.56 16.44 -28.11
CA PRO D 50 -8.05 16.94 -29.41
C PRO D 50 -9.49 16.58 -29.77
N TRP D 51 -9.92 15.38 -29.40
CA TRP D 51 -11.26 14.90 -29.73
C TRP D 51 -12.39 15.65 -29.01
N ILE D 52 -12.11 16.35 -27.89
CA ILE D 52 -13.15 17.08 -27.15
C ILE D 52 -13.39 18.48 -27.76
N GLU D 53 -12.39 18.99 -28.50
CA GLU D 53 -12.46 20.27 -29.18
C GLU D 53 -13.59 20.32 -30.22
N GLN D 54 -14.03 19.14 -30.73
CA GLN D 54 -15.10 19.04 -31.73
C GLN D 54 -16.54 19.35 -31.17
N GLU D 55 -16.66 19.50 -29.84
CA GLU D 55 -17.90 19.84 -29.14
C GLU D 55 -18.22 21.32 -29.33
N GLY D 56 -19.51 21.61 -29.52
CA GLY D 56 -20.01 22.97 -29.76
C GLY D 56 -19.84 23.96 -28.63
N PRO D 57 -20.03 25.28 -28.90
CA PRO D 57 -19.86 26.30 -27.84
C PRO D 57 -20.87 26.25 -26.71
N GLU D 58 -22.07 25.69 -26.98
CA GLU D 58 -23.17 25.50 -26.03
C GLU D 58 -22.71 24.51 -24.95
N TYR D 59 -21.94 23.48 -25.36
CA TYR D 59 -21.35 22.49 -24.46
C TYR D 59 -20.38 23.17 -23.50
N TRP D 60 -19.50 24.09 -23.98
CA TRP D 60 -18.54 24.75 -23.09
C TRP D 60 -19.19 25.76 -22.12
N ASP D 61 -20.35 26.37 -22.49
CA ASP D 61 -21.11 27.28 -21.60
C ASP D 61 -21.78 26.43 -20.51
N GLU D 62 -22.42 25.31 -20.92
CA GLU D 62 -23.08 24.38 -20.02
C GLU D 62 -22.09 23.77 -19.01
N GLU D 63 -20.94 23.32 -19.46
CA GLU D 63 -19.94 22.73 -18.56
C GLU D 63 -19.37 23.75 -17.62
N THR D 64 -18.98 24.94 -18.13
CA THR D 64 -18.42 26.03 -17.32
C THR D 64 -19.37 26.34 -16.16
N GLY D 65 -20.67 26.50 -16.45
CA GLY D 65 -21.71 26.79 -15.48
C GLY D 65 -21.82 25.79 -14.35
N LYS D 66 -21.82 24.49 -14.71
CA LYS D 66 -21.86 23.36 -13.78
C LYS D 66 -20.63 23.27 -12.89
N VAL D 67 -19.43 23.37 -13.49
CA VAL D 67 -18.18 23.29 -12.72
C VAL D 67 -18.02 24.56 -11.84
N LYS D 68 -18.50 25.72 -12.30
CA LYS D 68 -18.46 26.95 -11.50
C LYS D 68 -19.39 26.84 -10.27
N ALA D 69 -20.59 26.25 -10.46
CA ALA D 69 -21.56 26.05 -9.38
C ALA D 69 -20.94 25.18 -8.26
N HIS D 70 -20.36 24.02 -8.64
CA HIS D 70 -19.71 23.09 -7.73
C HIS D 70 -18.55 23.74 -6.98
N SER D 71 -17.78 24.59 -7.70
CA SER D 71 -16.66 25.34 -7.16
C SER D 71 -17.15 26.27 -6.05
N GLN D 72 -18.31 26.91 -6.26
CA GLN D 72 -18.87 27.79 -5.27
C GLN D 72 -19.35 26.95 -4.10
N THR D 73 -20.06 25.85 -4.36
CA THR D 73 -20.52 24.98 -3.27
C THR D 73 -19.36 24.42 -2.39
N ASP D 74 -18.26 23.96 -2.99
CA ASP D 74 -17.15 23.41 -2.18
C ASP D 74 -16.43 24.48 -1.34
N ARG D 75 -16.57 25.76 -1.68
CA ARG D 75 -15.99 26.86 -0.92
C ARG D 75 -16.75 27.02 0.40
N GLU D 76 -18.10 26.82 0.36
CA GLU D 76 -18.96 26.82 1.54
C GLU D 76 -18.65 25.56 2.34
N ASN D 77 -18.58 24.42 1.66
CA ASN D 77 -18.29 23.13 2.32
C ASN D 77 -16.96 23.15 3.10
N LEU D 78 -15.98 23.95 2.67
CA LEU D 78 -14.74 24.06 3.42
C LEU D 78 -15.03 24.68 4.79
N ARG D 79 -15.79 25.77 4.79
CA ARG D 79 -16.30 26.54 5.93
C ARG D 79 -17.28 25.71 6.78
N ILE D 80 -18.09 24.85 6.16
CA ILE D 80 -18.98 23.98 6.94
C ILE D 80 -18.14 22.90 7.66
N ALA D 81 -17.14 22.31 6.98
CA ALA D 81 -16.22 21.32 7.57
C ALA D 81 -15.46 21.95 8.74
N LEU D 82 -14.83 23.12 8.51
CA LEU D 82 -14.09 23.86 9.50
C LEU D 82 -14.89 23.94 10.80
N ARG D 83 -16.13 24.51 10.77
CA ARG D 83 -16.99 24.59 11.96
C ARG D 83 -17.42 23.19 12.47
N TYR D 84 -17.74 22.24 11.57
CA TYR D 84 -18.11 20.89 12.01
C TYR D 84 -17.05 20.27 12.92
N TYR D 85 -15.78 20.39 12.50
CA TYR D 85 -14.60 19.85 13.20
C TYR D 85 -14.10 20.72 14.31
N ASN D 86 -14.57 21.95 14.37
CA ASN D 86 -14.14 22.90 15.41
C ASN D 86 -12.63 23.17 15.24
N GLN D 87 -12.19 23.31 13.99
CA GLN D 87 -10.82 23.58 13.59
C GLN D 87 -10.57 25.05 13.55
N SER D 88 -9.31 25.46 13.78
CA SER D 88 -8.91 26.86 13.77
C SER D 88 -8.97 27.42 12.36
N GLU D 89 -9.16 28.73 12.27
CA GLU D 89 -9.28 29.39 10.98
C GLU D 89 -7.95 29.61 10.27
N ALA D 90 -6.86 29.76 11.04
CA ALA D 90 -5.52 30.07 10.54
C ALA D 90 -4.82 29.03 9.63
N GLY D 91 -5.19 27.74 9.73
CA GLY D 91 -4.57 26.68 8.93
C GLY D 91 -5.22 26.39 7.59
N SER D 92 -4.50 25.73 6.67
CA SER D 92 -5.00 25.38 5.35
C SER D 92 -5.60 23.98 5.36
N HIS D 93 -6.66 23.73 4.54
CA HIS D 93 -7.35 22.44 4.48
C HIS D 93 -7.69 22.10 3.09
N THR D 94 -8.00 20.81 2.82
CA THR D 94 -8.30 20.29 1.49
C THR D 94 -9.68 19.58 1.46
N LEU D 95 -10.48 19.87 0.42
CA LEU D 95 -11.72 19.18 0.16
C LEU D 95 -11.50 18.59 -1.18
N GLN D 96 -11.82 17.31 -1.33
CA GLN D 96 -11.66 16.64 -2.60
C GLN D 96 -12.86 15.84 -2.89
N MET D 97 -13.31 15.87 -4.15
CA MET D 97 -14.42 15.01 -4.55
C MET D 97 -14.15 14.34 -5.90
N MET D 98 -14.66 13.13 -5.98
CA MET D 98 -14.56 12.33 -7.15
C MET D 98 -15.95 11.84 -7.44
N PHE D 99 -16.30 11.81 -8.74
CA PHE D 99 -17.55 11.26 -9.25
C PHE D 99 -17.29 10.73 -10.63
N GLY D 100 -18.12 9.77 -11.04
CA GLY D 100 -18.09 9.14 -12.34
C GLY D 100 -18.78 7.81 -12.39
N CYS D 101 -18.81 7.21 -13.57
CA CYS D 101 -19.45 5.91 -13.74
C CYS D 101 -18.55 4.94 -14.53
N ASP D 102 -18.86 3.64 -14.41
CA ASP D 102 -18.27 2.52 -15.11
C ASP D 102 -19.35 1.91 -16.01
N VAL D 103 -18.94 1.62 -17.27
CA VAL D 103 -19.77 0.99 -18.29
C VAL D 103 -19.08 -0.27 -18.80
N GLY D 104 -19.86 -1.33 -19.03
CA GLY D 104 -19.38 -2.61 -19.53
C GLY D 104 -19.15 -2.60 -21.03
N SER D 105 -18.86 -3.77 -21.62
CA SER D 105 -18.64 -3.93 -23.08
C SER D 105 -19.85 -3.45 -23.92
N ASP D 106 -21.06 -3.75 -23.45
CA ASP D 106 -22.32 -3.35 -24.02
C ASP D 106 -22.59 -1.81 -23.85
N GLY D 107 -21.73 -1.11 -23.12
CA GLY D 107 -21.88 0.32 -22.86
C GLY D 107 -23.00 0.59 -21.87
N ARG D 108 -23.22 -0.38 -20.97
CA ARG D 108 -24.24 -0.33 -19.96
C ARG D 108 -23.60 -0.18 -18.61
N PHE D 109 -24.38 0.43 -17.68
CA PHE D 109 -24.04 0.76 -16.30
C PHE D 109 -23.42 -0.40 -15.46
N LEU D 110 -22.36 -0.11 -14.72
CA LEU D 110 -21.75 -1.08 -13.83
C LEU D 110 -21.66 -0.59 -12.39
N ARG D 111 -21.07 0.58 -12.22
CA ARG D 111 -20.76 1.15 -10.94
C ARG D 111 -20.72 2.68 -11.10
N GLY D 112 -21.28 3.39 -10.14
CA GLY D 112 -21.33 4.85 -10.12
C GLY D 112 -20.80 5.38 -8.79
N TYR D 113 -20.11 6.51 -8.83
CA TYR D 113 -19.48 7.07 -7.65
C TYR D 113 -19.80 8.53 -7.45
N HIS D 114 -19.87 8.94 -6.18
CA HIS D 114 -20.08 10.29 -5.70
C HIS D 114 -19.54 10.34 -4.26
N GLN D 115 -18.29 10.76 -4.11
CA GLN D 115 -17.66 10.70 -2.81
C GLN D 115 -16.79 11.88 -2.53
N TYR D 116 -16.67 12.26 -1.24
CA TYR D 116 -15.84 13.38 -0.81
C TYR D 116 -14.69 12.95 0.15
N ALA D 117 -13.75 13.85 0.38
CA ALA D 117 -12.66 13.69 1.33
C ALA D 117 -12.33 15.03 1.94
N TYR D 118 -12.18 15.05 3.25
CA TYR D 118 -11.74 16.25 3.95
C TYR D 118 -10.38 15.94 4.58
N ASP D 119 -9.38 16.76 4.23
CA ASP D 119 -7.99 16.66 4.68
C ASP D 119 -7.36 15.28 4.50
N GLY D 120 -7.72 14.60 3.40
CA GLY D 120 -7.19 13.29 3.04
C GLY D 120 -7.94 12.06 3.49
N LYS D 121 -8.88 12.22 4.42
CA LYS D 121 -9.67 11.10 4.93
C LYS D 121 -11.05 11.16 4.29
N ASP D 122 -11.66 9.99 3.98
CA ASP D 122 -13.04 9.91 3.47
C ASP D 122 -13.96 10.78 4.34
N TYR D 123 -14.95 11.43 3.73
CA TYR D 123 -15.92 12.23 4.46
C TYR D 123 -17.27 11.54 4.33
N ILE D 124 -17.87 11.59 3.12
CA ILE D 124 -19.15 10.97 2.78
C ILE D 124 -18.99 10.30 1.42
N ALA D 125 -19.75 9.22 1.17
CA ALA D 125 -19.67 8.49 -0.10
C ALA D 125 -20.98 7.80 -0.41
N LEU D 126 -21.48 8.02 -1.62
CA LEU D 126 -22.67 7.37 -2.11
C LEU D 126 -22.34 5.91 -2.24
N LYS D 127 -23.14 5.08 -1.54
CA LYS D 127 -22.99 3.64 -1.48
C LYS D 127 -23.27 3.02 -2.83
N GLU D 128 -22.57 1.92 -3.18
CA GLU D 128 -22.71 1.15 -4.44
C GLU D 128 -24.18 1.03 -4.96
N ASP D 129 -25.22 1.07 -4.08
CA ASP D 129 -26.65 0.99 -4.42
C ASP D 129 -27.21 2.32 -4.99
N LEU D 130 -26.53 3.45 -4.72
CA LEU D 130 -26.89 4.82 -5.14
C LEU D 130 -28.20 5.27 -4.46
N ARG D 131 -28.43 4.79 -3.24
CA ARG D 131 -29.66 5.03 -2.50
C ARG D 131 -29.41 5.54 -1.10
N SER D 132 -28.25 5.20 -0.55
CA SER D 132 -27.81 5.55 0.80
C SER D 132 -26.35 6.08 0.80
N TRP D 133 -25.90 6.70 1.92
CA TRP D 133 -24.56 7.27 2.07
C TRP D 133 -23.70 6.60 3.13
N THR D 134 -22.38 6.75 3.04
CA THR D 134 -21.41 6.22 4.00
C THR D 134 -20.76 7.43 4.59
N ALA D 135 -20.94 7.63 5.89
CA ALA D 135 -20.39 8.75 6.63
C ALA D 135 -19.37 8.19 7.58
N ALA D 136 -18.11 8.46 7.25
CA ALA D 136 -16.96 8.01 8.01
C ALA D 136 -17.11 8.40 9.50
N ASP D 137 -16.96 9.70 9.83
CA ASP D 137 -17.05 10.22 11.19
C ASP D 137 -18.42 10.79 11.57
N MET D 138 -18.46 11.50 12.71
CA MET D 138 -19.65 12.13 13.24
C MET D 138 -19.97 13.48 12.62
N ALA D 139 -18.95 14.16 12.03
CA ALA D 139 -19.15 15.44 11.32
C ALA D 139 -19.95 15.13 10.04
N ALA D 140 -19.56 14.02 9.38
CA ALA D 140 -20.14 13.54 8.16
C ALA D 140 -21.53 13.00 8.35
N GLN D 141 -21.90 12.64 9.60
CA GLN D 141 -23.24 12.16 9.91
C GLN D 141 -24.22 13.34 9.84
N ILE D 142 -23.76 14.52 10.23
CA ILE D 142 -24.58 15.72 10.17
C ILE D 142 -24.97 15.84 8.70
N THR D 143 -23.96 15.79 7.78
CA THR D 143 -24.16 15.88 6.35
C THR D 143 -25.07 14.79 5.89
N LYS D 144 -24.80 13.52 6.26
CA LYS D 144 -25.64 12.37 5.91
C LYS D 144 -27.12 12.58 6.25
N ARG D 145 -27.43 13.06 7.48
CA ARG D 145 -28.84 13.37 7.84
C ARG D 145 -29.45 14.42 6.89
N LYS D 146 -28.70 15.50 6.66
CA LYS D 146 -29.09 16.64 5.82
C LYS D 146 -29.38 16.21 4.37
N TRP D 147 -28.51 15.33 3.83
CA TRP D 147 -28.61 14.87 2.47
C TRP D 147 -29.77 13.94 2.29
N GLU D 148 -30.02 13.08 3.30
CA GLU D 148 -31.15 12.15 3.29
C GLU D 148 -32.45 12.94 3.21
N ALA D 149 -32.56 13.96 4.05
CA ALA D 149 -33.70 14.84 4.07
C ALA D 149 -33.85 15.54 2.74
N ALA D 150 -32.72 15.86 2.10
CA ALA D 150 -32.76 16.60 0.82
C ALA D 150 -32.95 15.73 -0.46
N HIS D 151 -32.81 14.39 -0.35
CA HIS D 151 -32.94 13.48 -1.50
C HIS D 151 -31.81 13.63 -2.52
N VAL D 152 -30.59 13.97 -2.06
CA VAL D 152 -29.37 14.18 -2.86
C VAL D 152 -29.01 12.96 -3.67
N ALA D 153 -29.05 11.78 -3.01
CA ALA D 153 -28.71 10.50 -3.61
C ALA D 153 -29.63 10.18 -4.76
N GLU D 154 -30.89 10.65 -4.70
CA GLU D 154 -31.85 10.34 -5.75
C GLU D 154 -31.44 11.02 -7.02
N GLN D 155 -31.14 12.33 -6.93
CA GLN D 155 -30.67 13.15 -8.04
C GLN D 155 -29.39 12.56 -8.61
N GLN D 156 -28.45 12.20 -7.73
CA GLN D 156 -27.19 11.64 -8.18
C GLN D 156 -27.32 10.22 -8.80
N ARG D 157 -28.31 9.40 -8.38
CA ARG D 157 -28.56 8.08 -9.00
C ARG D 157 -28.93 8.28 -10.49
N ALA D 158 -29.81 9.23 -10.75
CA ALA D 158 -30.34 9.60 -12.05
C ALA D 158 -29.25 10.16 -12.97
N TYR D 159 -28.24 10.87 -12.39
CA TYR D 159 -27.13 11.43 -13.15
C TYR D 159 -26.17 10.31 -13.47
N LEU D 160 -25.75 9.54 -12.44
CA LEU D 160 -24.78 8.46 -12.65
C LEU D 160 -25.25 7.37 -13.60
N GLU D 161 -26.49 6.92 -13.48
CA GLU D 161 -27.04 5.84 -14.30
C GLU D 161 -27.51 6.29 -15.69
N GLY D 162 -27.66 7.60 -15.90
CA GLY D 162 -28.23 8.12 -17.13
C GLY D 162 -27.38 9.14 -17.85
N THR D 163 -27.21 10.33 -17.26
CA THR D 163 -26.42 11.38 -17.89
C THR D 163 -24.92 11.00 -18.00
N CYS D 164 -24.37 10.33 -17.00
CA CYS D 164 -22.98 9.93 -17.04
C CYS D 164 -22.71 8.89 -18.13
N VAL D 165 -23.55 7.84 -18.16
CA VAL D 165 -23.37 6.75 -19.13
C VAL D 165 -23.59 7.23 -20.59
N ASP D 166 -24.62 8.07 -20.84
CA ASP D 166 -24.92 8.57 -22.18
C ASP D 166 -23.80 9.43 -22.73
N GLY D 167 -23.34 10.38 -21.91
CA GLY D 167 -22.23 11.28 -22.23
C GLY D 167 -20.95 10.52 -22.51
N LEU D 168 -20.71 9.40 -21.77
CA LEU D 168 -19.56 8.50 -21.93
C LEU D 168 -19.66 7.71 -23.24
N ARG D 169 -20.88 7.34 -23.65
CA ARG D 169 -21.10 6.59 -24.87
C ARG D 169 -20.73 7.50 -26.02
N ARG D 170 -21.24 8.75 -25.98
CA ARG D 170 -20.95 9.80 -26.94
C ARG D 170 -19.43 10.09 -26.99
N TYR D 171 -18.73 10.20 -25.83
CA TYR D 171 -17.29 10.45 -25.80
C TYR D 171 -16.49 9.34 -26.43
N LEU D 172 -16.88 8.07 -26.21
CA LEU D 172 -16.15 6.94 -26.77
C LEU D 172 -16.23 6.94 -28.27
N GLU D 173 -17.42 7.23 -28.82
CA GLU D 173 -17.62 7.34 -30.24
C GLU D 173 -16.79 8.54 -30.77
N ASN D 174 -17.12 9.78 -30.30
CA ASN D 174 -16.47 11.05 -30.70
C ASN D 174 -14.95 11.08 -30.59
N GLY D 175 -14.34 10.09 -29.94
CA GLY D 175 -12.89 10.01 -29.79
C GLY D 175 -12.38 8.59 -29.86
N LYS D 176 -13.14 7.71 -30.56
CA LYS D 176 -12.88 6.29 -30.79
C LYS D 176 -11.40 6.04 -31.15
N GLU D 177 -10.93 6.74 -32.20
CA GLU D 177 -9.58 6.72 -32.78
C GLU D 177 -8.50 6.67 -31.69
N THR D 178 -8.71 7.47 -30.64
CA THR D 178 -7.84 7.70 -29.49
C THR D 178 -8.19 6.82 -28.27
N LEU D 179 -9.48 6.78 -27.89
CA LEU D 179 -9.92 6.11 -26.68
C LEU D 179 -10.04 4.59 -26.79
N GLN D 180 -10.57 4.06 -27.91
CA GLN D 180 -10.69 2.62 -28.06
C GLN D 180 -9.38 1.95 -28.52
N ARG D 181 -8.35 2.74 -28.94
CA ARG D 181 -7.04 2.18 -29.30
C ARG D 181 -6.40 1.48 -28.11
N THR D 182 -5.83 0.27 -28.34
CA THR D 182 -5.24 -0.55 -27.28
C THR D 182 -3.77 -0.90 -27.64
N ASP D 183 -2.87 0.09 -27.44
CA ASP D 183 -1.43 0.04 -27.69
C ASP D 183 -0.69 -1.05 -26.90
N PRO D 184 0.04 -1.98 -27.59
CA PRO D 184 0.77 -3.02 -26.84
C PRO D 184 2.17 -2.56 -26.39
N PRO D 185 2.73 -3.14 -25.29
CA PRO D 185 4.06 -2.72 -24.86
C PRO D 185 5.19 -3.03 -25.84
N LYS D 186 6.17 -2.12 -25.89
CA LYS D 186 7.38 -2.25 -26.71
C LYS D 186 8.49 -2.76 -25.76
N THR D 187 8.35 -4.03 -25.40
CA THR D 187 9.23 -4.77 -24.50
C THR D 187 10.68 -4.86 -24.97
N HIS D 188 11.62 -4.90 -24.00
CA HIS D 188 13.07 -5.06 -24.21
C HIS D 188 13.78 -5.35 -22.87
N MET D 189 14.98 -5.94 -22.96
CA MET D 189 15.77 -6.35 -21.79
C MET D 189 17.14 -5.69 -21.81
N THR D 190 17.56 -5.12 -20.65
CA THR D 190 18.89 -4.53 -20.51
C THR D 190 19.73 -5.35 -19.54
N HIS D 191 21.04 -5.40 -19.78
CA HIS D 191 21.94 -6.16 -18.93
C HIS D 191 23.06 -5.26 -18.45
N HIS D 192 23.20 -5.18 -17.12
CA HIS D 192 24.21 -4.33 -16.50
C HIS D 192 25.07 -5.12 -15.48
N PRO D 193 26.42 -5.13 -15.59
CA PRO D 193 27.22 -5.84 -14.57
C PRO D 193 27.32 -5.00 -13.29
N ILE D 194 27.23 -5.65 -12.10
CA ILE D 194 27.35 -4.99 -10.79
C ILE D 194 28.78 -5.18 -10.27
N SER D 195 29.37 -6.36 -10.57
CA SER D 195 30.72 -6.80 -10.23
C SER D 195 31.10 -7.93 -11.23
N ASP D 196 32.06 -8.82 -10.85
CA ASP D 196 32.45 -9.98 -11.66
C ASP D 196 31.79 -11.25 -11.08
N HIS D 197 30.78 -11.03 -10.21
CA HIS D 197 30.00 -12.02 -9.47
C HIS D 197 28.50 -11.76 -9.66
N GLU D 198 28.09 -10.47 -9.76
CA GLU D 198 26.68 -10.06 -9.90
C GLU D 198 26.37 -9.37 -11.24
N ALA D 199 25.10 -9.47 -11.71
CA ALA D 199 24.60 -8.86 -12.96
C ALA D 199 23.10 -8.50 -12.87
N THR D 200 22.72 -7.24 -13.18
CA THR D 200 21.32 -6.85 -13.10
C THR D 200 20.62 -6.87 -14.46
N LEU D 201 19.59 -7.75 -14.55
CA LEU D 201 18.74 -7.99 -15.72
C LEU D 201 17.41 -7.28 -15.52
N ARG D 202 17.23 -6.17 -16.27
CA ARG D 202 16.07 -5.30 -16.20
C ARG D 202 15.20 -5.48 -17.41
N CYS D 203 13.89 -5.59 -17.14
CA CYS D 203 12.93 -5.70 -18.22
C CYS D 203 12.01 -4.52 -18.28
N TRP D 204 11.96 -3.92 -19.46
CA TRP D 204 11.18 -2.75 -19.80
C TRP D 204 9.93 -3.05 -20.58
N ALA D 205 8.90 -2.27 -20.31
CA ALA D 205 7.62 -2.26 -21.01
C ALA D 205 7.39 -0.77 -21.40
N LEU D 206 7.32 -0.47 -22.69
CA LEU D 206 7.21 0.92 -23.08
C LEU D 206 6.05 1.22 -24.03
N GLY D 207 5.65 2.49 -24.06
CA GLY D 207 4.63 3.03 -24.94
C GLY D 207 3.31 2.30 -25.06
N PHE D 208 2.84 1.70 -23.96
CA PHE D 208 1.56 0.98 -23.92
C PHE D 208 0.44 1.87 -23.41
N TYR D 209 -0.80 1.50 -23.75
CA TYR D 209 -2.02 2.18 -23.32
C TYR D 209 -3.18 1.19 -23.54
N PRO D 210 -4.02 0.81 -22.54
CA PRO D 210 -4.11 1.27 -21.14
C PRO D 210 -2.92 0.98 -20.23
N ALA D 211 -2.92 1.62 -19.06
CA ALA D 211 -1.90 1.55 -18.01
C ALA D 211 -1.92 0.22 -17.22
N GLU D 212 -2.95 -0.63 -17.44
CA GLU D 212 -3.04 -1.94 -16.78
C GLU D 212 -2.05 -2.90 -17.45
N ILE D 213 -1.00 -3.25 -16.70
CA ILE D 213 0.11 -4.11 -17.12
C ILE D 213 0.66 -4.86 -15.92
N THR D 214 1.27 -6.02 -16.14
CA THR D 214 1.88 -6.79 -15.07
C THR D 214 3.17 -7.43 -15.60
N LEU D 215 4.32 -7.00 -15.04
CA LEU D 215 5.66 -7.48 -15.37
C LEU D 215 6.09 -8.45 -14.28
N THR D 216 6.24 -9.72 -14.65
CA THR D 216 6.56 -10.76 -13.68
C THR D 216 7.83 -11.54 -14.02
N TRP D 217 8.79 -11.61 -13.07
CA TRP D 217 10.02 -12.39 -13.28
C TRP D 217 9.87 -13.81 -12.71
N GLN D 218 10.59 -14.78 -13.34
CA GLN D 218 10.65 -16.20 -12.94
C GLN D 218 12.07 -16.73 -13.13
N ARG D 219 12.43 -17.79 -12.38
CA ARG D 219 13.70 -18.51 -12.49
C ARG D 219 13.34 -19.99 -12.56
N ASP D 220 13.76 -20.67 -13.65
CA ASP D 220 13.49 -22.08 -13.94
C ASP D 220 11.96 -22.39 -13.89
N GLY D 221 11.16 -21.46 -14.41
CA GLY D 221 9.71 -21.52 -14.45
C GLY D 221 9.01 -21.37 -13.11
N GLU D 222 9.61 -20.61 -12.16
CA GLU D 222 9.06 -20.37 -10.82
C GLU D 222 9.22 -18.92 -10.38
N ASP D 223 8.10 -18.30 -9.97
CA ASP D 223 7.98 -16.89 -9.56
C ASP D 223 9.01 -16.37 -8.54
N GLN D 224 9.91 -15.49 -9.03
CA GLN D 224 10.95 -14.82 -8.24
C GLN D 224 10.41 -13.50 -7.63
N THR D 225 9.06 -13.39 -7.58
CA THR D 225 8.21 -12.28 -7.11
C THR D 225 8.72 -11.56 -5.82
N GLN D 226 9.49 -12.24 -4.94
CA GLN D 226 10.00 -11.61 -3.74
C GLN D 226 11.30 -10.83 -4.01
N ASP D 227 12.25 -11.44 -4.75
CA ASP D 227 13.58 -10.89 -5.03
C ASP D 227 13.68 -10.03 -6.33
N THR D 228 12.75 -9.07 -6.51
CA THR D 228 12.73 -8.19 -7.69
C THR D 228 12.49 -6.70 -7.34
N GLU D 229 12.93 -5.78 -8.26
CA GLU D 229 12.77 -4.34 -8.15
C GLU D 229 11.72 -3.86 -9.19
N LEU D 230 10.43 -3.87 -8.78
CA LEU D 230 9.30 -3.47 -9.63
C LEU D 230 8.81 -2.05 -9.35
N VAL D 231 9.11 -1.09 -10.25
CA VAL D 231 8.68 0.32 -10.13
C VAL D 231 7.17 0.54 -10.46
N GLU D 232 6.59 1.65 -9.96
CA GLU D 232 5.20 1.96 -10.22
C GLU D 232 5.10 2.51 -11.63
N THR D 233 4.08 2.06 -12.41
CA THR D 233 3.81 2.50 -13.78
C THR D 233 3.78 3.99 -13.78
N ARG D 234 4.54 4.59 -14.68
CA ARG D 234 4.67 6.03 -14.82
C ARG D 234 4.17 6.52 -16.18
N PRO D 235 3.64 7.76 -16.28
CA PRO D 235 3.17 8.24 -17.60
C PRO D 235 4.34 8.66 -18.51
N ALA D 236 4.30 8.30 -19.80
CA ALA D 236 5.41 8.69 -20.68
C ALA D 236 5.38 10.19 -21.02
N GLY D 237 4.16 10.76 -21.11
CA GLY D 237 3.95 12.16 -21.41
C GLY D 237 3.34 12.38 -22.78
N ASP D 238 3.14 11.27 -23.54
CA ASP D 238 2.54 11.28 -24.89
C ASP D 238 1.30 10.35 -25.03
N GLY D 239 0.63 10.11 -23.90
CA GLY D 239 -0.59 9.33 -23.86
C GLY D 239 -0.42 7.90 -23.46
N THR D 240 0.82 7.43 -23.49
CA THR D 240 1.18 6.07 -23.14
C THR D 240 1.90 5.99 -21.79
N PHE D 241 2.14 4.74 -21.35
CA PHE D 241 2.76 4.44 -20.07
C PHE D 241 4.04 3.58 -20.21
N GLN D 242 4.76 3.47 -19.10
CA GLN D 242 5.96 2.67 -19.01
C GLN D 242 6.10 2.02 -17.64
N LYS D 243 6.77 0.84 -17.61
CA LYS D 243 7.13 0.09 -16.39
C LYS D 243 8.44 -0.68 -16.59
N TRP D 244 9.10 -1.07 -15.50
CA TRP D 244 10.28 -1.93 -15.53
C TRP D 244 10.43 -2.75 -14.25
N ALA D 245 10.93 -3.98 -14.42
CA ALA D 245 11.22 -4.94 -13.35
C ALA D 245 12.64 -5.49 -13.55
N ALA D 246 13.49 -5.34 -12.54
CA ALA D 246 14.86 -5.81 -12.59
C ALA D 246 15.05 -7.03 -11.70
N VAL D 247 16.16 -7.75 -11.91
CA VAL D 247 16.54 -8.92 -11.13
C VAL D 247 18.05 -9.03 -11.09
N VAL D 248 18.60 -9.34 -9.93
CA VAL D 248 20.04 -9.51 -9.77
C VAL D 248 20.34 -11.00 -9.97
N VAL D 249 21.09 -11.30 -11.05
CA VAL D 249 21.46 -12.66 -11.45
C VAL D 249 22.96 -12.94 -11.15
N PRO D 250 23.34 -14.19 -10.76
CA PRO D 250 24.76 -14.48 -10.55
C PRO D 250 25.50 -14.51 -11.89
N SER D 251 26.74 -14.10 -11.79
CA SER D 251 27.64 -13.97 -12.88
C SER D 251 27.71 -15.32 -13.50
N GLY D 252 26.57 -15.95 -13.62
CA GLY D 252 26.55 -17.29 -14.16
C GLY D 252 25.42 -17.68 -15.05
N GLU D 253 24.23 -17.85 -14.49
CA GLU D 253 23.13 -18.35 -15.27
C GLU D 253 21.93 -17.46 -15.14
N GLU D 254 21.70 -16.77 -16.22
CA GLU D 254 20.61 -15.81 -16.41
C GLU D 254 19.58 -16.37 -17.38
N GLN D 255 19.98 -17.38 -18.20
CA GLN D 255 19.10 -18.05 -19.15
C GLN D 255 18.06 -18.93 -18.42
N ARG D 256 18.07 -18.88 -17.07
CA ARG D 256 17.15 -19.53 -16.15
C ARG D 256 16.00 -18.56 -15.87
N TYR D 257 16.32 -17.24 -15.88
CA TYR D 257 15.41 -16.12 -15.59
C TYR D 257 14.60 -15.63 -16.80
N THR D 258 13.27 -15.59 -16.66
CA THR D 258 12.31 -15.18 -17.70
C THR D 258 11.39 -14.05 -17.23
N CYS D 259 11.11 -13.07 -18.11
CA CYS D 259 10.20 -11.98 -17.79
C CYS D 259 8.88 -12.08 -18.54
N HIS D 260 7.79 -12.25 -17.80
CA HIS D 260 6.43 -12.46 -18.30
C HIS D 260 5.59 -11.21 -18.23
N VAL D 261 5.17 -10.74 -19.41
CA VAL D 261 4.40 -9.51 -19.65
C VAL D 261 2.93 -9.81 -20.00
N GLN D 262 2.00 -9.16 -19.29
CA GLN D 262 0.57 -9.32 -19.50
C GLN D 262 -0.11 -7.97 -19.70
N HIS D 263 -0.55 -7.70 -20.95
CA HIS D 263 -1.25 -6.48 -21.36
C HIS D 263 -2.40 -6.87 -22.28
N GLU D 264 -3.49 -6.08 -22.28
CA GLU D 264 -4.68 -6.32 -23.10
C GLU D 264 -4.43 -6.13 -24.61
N GLY D 265 -3.47 -5.26 -24.95
CA GLY D 265 -3.04 -4.97 -26.32
C GLY D 265 -2.27 -6.11 -26.96
N LEU D 266 -1.76 -7.06 -26.12
CA LEU D 266 -1.05 -8.27 -26.54
C LEU D 266 -2.07 -9.40 -26.73
N PRO D 267 -2.02 -10.17 -27.86
CA PRO D 267 -3.00 -11.26 -28.05
C PRO D 267 -2.90 -12.37 -27.00
N LYS D 268 -1.65 -12.66 -26.56
CA LYS D 268 -1.26 -13.64 -25.55
C LYS D 268 -0.02 -13.14 -24.75
N PRO D 269 0.16 -13.52 -23.46
CA PRO D 269 1.34 -13.05 -22.70
C PRO D 269 2.70 -13.38 -23.32
N LEU D 270 3.60 -12.37 -23.37
CA LEU D 270 4.96 -12.50 -23.91
C LEU D 270 5.92 -13.04 -22.85
N THR D 271 6.93 -13.81 -23.29
CA THR D 271 7.97 -14.38 -22.43
C THR D 271 9.32 -13.87 -22.90
N LEU D 272 9.91 -13.02 -22.10
CA LEU D 272 11.15 -12.46 -22.48
C LEU D 272 12.28 -13.28 -21.93
N ARG D 273 13.30 -13.45 -22.75
CA ARG D 273 14.45 -14.19 -22.35
C ARG D 273 15.61 -13.38 -22.87
N TRP D 274 16.71 -13.39 -22.12
CA TRP D 274 17.91 -12.62 -22.45
C TRP D 274 18.54 -13.08 -23.74
N MET E 1 -2.30 16.23 9.35
CA MET E 1 -3.63 15.64 9.37
C MET E 1 -3.46 14.28 8.82
N ILE E 2 -3.35 14.24 7.50
CA ILE E 2 -3.12 13.06 6.74
C ILE E 2 -2.02 13.67 5.99
N GLN E 3 -0.87 13.07 6.08
CA GLN E 3 0.26 13.59 5.41
C GLN E 3 0.87 12.42 4.76
N ARG E 4 1.31 12.60 3.54
CA ARG E 4 1.95 11.49 2.86
C ARG E 4 3.11 12.00 2.06
N THR E 5 4.26 11.35 2.18
CA THR E 5 5.45 11.75 1.43
C THR E 5 5.26 11.28 -0.02
N PRO E 6 5.70 12.17 -0.95
CA PRO E 6 5.63 11.84 -2.38
C PRO E 6 6.54 10.69 -2.83
N LYS E 7 6.24 10.11 -3.96
CA LYS E 7 7.04 9.07 -4.56
C LYS E 7 7.68 9.73 -5.78
N ILE E 8 8.99 10.00 -5.76
CA ILE E 8 9.63 10.65 -6.92
C ILE E 8 10.13 9.60 -7.94
N GLN E 9 10.03 9.92 -9.23
CA GLN E 9 10.49 9.07 -10.34
C GLN E 9 11.03 9.99 -11.43
N VAL E 10 12.35 9.94 -11.65
CA VAL E 10 12.95 10.77 -12.68
C VAL E 10 13.40 9.84 -13.81
N TYR E 11 12.86 10.08 -15.00
CA TYR E 11 13.09 9.26 -16.17
C TYR E 11 12.99 10.08 -17.45
N SER E 12 12.98 9.41 -18.60
CA SER E 12 12.86 10.02 -19.91
C SER E 12 11.68 9.39 -20.69
N ARG E 13 11.12 10.08 -21.69
CA ARG E 13 10.00 9.52 -22.44
C ARG E 13 10.47 8.38 -23.37
N HIS E 14 11.70 8.50 -23.89
CA HIS E 14 12.23 7.48 -24.78
C HIS E 14 13.59 7.03 -24.29
N PRO E 15 13.99 5.74 -24.44
CA PRO E 15 15.32 5.32 -23.94
C PRO E 15 16.40 6.24 -24.46
N ALA E 16 17.23 6.75 -23.54
CA ALA E 16 18.27 7.71 -23.86
C ALA E 16 19.23 7.23 -24.93
N GLU E 17 19.59 8.17 -25.80
CA GLU E 17 20.55 8.06 -26.89
C GLU E 17 21.25 9.42 -26.88
N ASN E 18 22.55 9.44 -26.55
CA ASN E 18 23.29 10.70 -26.52
C ASN E 18 23.20 11.54 -27.82
N GLY E 19 22.86 12.82 -27.67
CA GLY E 19 22.72 13.80 -28.74
C GLY E 19 21.37 13.87 -29.44
N LYS E 20 20.49 12.89 -29.16
CA LYS E 20 19.15 12.81 -29.77
C LYS E 20 18.12 13.44 -28.85
N SER E 21 17.08 14.12 -29.42
CA SER E 21 16.06 14.85 -28.66
C SER E 21 15.10 13.95 -27.88
N ASN E 22 14.80 14.40 -26.65
CA ASN E 22 14.00 13.67 -25.69
C ASN E 22 13.29 14.63 -24.70
N PHE E 23 12.56 14.02 -23.75
CA PHE E 23 11.83 14.70 -22.69
C PHE E 23 12.21 14.13 -21.34
N LEU E 24 12.60 15.02 -20.41
CA LEU E 24 12.93 14.64 -19.04
C LEU E 24 11.67 14.76 -18.17
N ASN E 25 11.30 13.65 -17.46
CA ASN E 25 10.08 13.59 -16.66
C ASN E 25 10.32 13.43 -15.19
N CYS E 26 9.61 14.22 -14.39
CA CYS E 26 9.62 13.98 -12.96
C CYS E 26 8.22 13.68 -12.49
N TYR E 27 7.96 12.41 -12.18
CA TYR E 27 6.67 11.96 -11.72
C TYR E 27 6.69 11.90 -10.22
N VAL E 28 5.82 12.70 -9.62
CA VAL E 28 5.65 12.77 -8.17
C VAL E 28 4.26 12.26 -7.85
N SER E 29 4.16 11.24 -6.99
CA SER E 29 2.85 10.67 -6.68
C SER E 29 2.67 10.15 -5.23
N GLY E 30 1.41 9.95 -4.86
CA GLY E 30 1.07 9.43 -3.54
C GLY E 30 1.20 10.44 -2.43
N PHE E 31 1.31 11.73 -2.74
CA PHE E 31 1.45 12.73 -1.69
C PHE E 31 0.11 13.32 -1.21
N HIS E 32 0.14 13.96 0.00
CA HIS E 32 -0.96 14.66 0.66
C HIS E 32 -0.36 15.54 1.72
N PRO E 33 -0.61 16.85 1.76
CA PRO E 33 -1.47 17.65 0.88
C PRO E 33 -0.84 18.03 -0.47
N SER E 34 -1.64 18.67 -1.34
CA SER E 34 -1.36 19.05 -2.71
C SER E 34 -0.16 19.96 -2.97
N ASP E 35 0.21 20.81 -2.00
CA ASP E 35 1.29 21.78 -2.25
C ASP E 35 2.65 21.07 -2.37
N ILE E 36 3.32 21.24 -3.53
CA ILE E 36 4.59 20.57 -3.80
C ILE E 36 5.48 21.46 -4.67
N GLU E 37 6.79 21.44 -4.37
CA GLU E 37 7.79 22.21 -5.10
C GLU E 37 8.59 21.22 -5.94
N VAL E 38 8.56 21.35 -7.28
CA VAL E 38 9.29 20.45 -8.16
C VAL E 38 10.14 21.24 -9.15
N ASP E 39 11.41 20.86 -9.22
CA ASP E 39 12.37 21.51 -10.10
C ASP E 39 13.10 20.43 -10.89
N LEU E 40 13.37 20.72 -12.15
CA LEU E 40 14.18 19.84 -12.96
C LEU E 40 15.50 20.56 -13.14
N LEU E 41 16.59 19.88 -12.80
CA LEU E 41 17.93 20.47 -12.82
C LEU E 41 18.84 19.95 -13.94
N LYS E 42 19.78 20.81 -14.38
CA LYS E 42 20.80 20.54 -15.38
C LYS E 42 22.11 21.06 -14.86
N ASN E 43 22.93 20.14 -14.34
CA ASN E 43 24.25 20.40 -13.77
C ASN E 43 24.21 21.33 -12.56
N GLY E 44 23.16 21.18 -11.74
CA GLY E 44 22.96 21.99 -10.54
C GLY E 44 21.94 23.10 -10.73
N GLU E 45 22.09 23.87 -11.84
CA GLU E 45 21.20 24.97 -12.22
C GLU E 45 19.78 24.49 -12.58
N ARG E 46 18.76 25.32 -12.33
CA ARG E 46 17.35 25.03 -12.58
C ARG E 46 16.98 25.31 -14.02
N ILE E 47 16.09 24.49 -14.59
CA ILE E 47 15.58 24.60 -15.96
C ILE E 47 14.34 25.54 -15.95
N GLU E 48 14.37 26.59 -16.78
CA GLU E 48 13.34 27.62 -16.85
C GLU E 48 12.01 27.19 -17.52
N LYS E 49 12.04 26.49 -18.68
CA LYS E 49 10.82 26.10 -19.41
C LYS E 49 10.18 24.77 -18.97
N VAL E 50 9.94 24.60 -17.66
CA VAL E 50 9.37 23.39 -17.06
C VAL E 50 7.86 23.49 -16.96
N GLU E 51 7.16 22.63 -17.71
CA GLU E 51 5.70 22.51 -17.76
C GLU E 51 5.25 21.40 -16.80
N HIS E 52 3.99 21.41 -16.37
CA HIS E 52 3.46 20.39 -15.47
C HIS E 52 2.00 20.06 -15.76
N SER E 53 1.61 18.80 -15.53
CA SER E 53 0.27 18.24 -15.67
C SER E 53 -0.70 18.88 -14.69
N ASP E 54 -2.00 18.79 -14.95
CA ASP E 54 -3.01 19.35 -14.06
C ASP E 54 -3.16 18.53 -12.73
N LEU E 55 -3.37 19.19 -11.57
CA LEU E 55 -3.48 18.51 -10.27
C LEU E 55 -4.64 17.51 -10.21
N SER E 56 -4.30 16.25 -10.00
CA SER E 56 -5.23 15.14 -9.96
C SER E 56 -4.83 14.18 -8.86
N PHE E 57 -5.67 13.17 -8.58
CA PHE E 57 -5.40 12.19 -7.53
C PHE E 57 -6.09 10.91 -7.88
N SER E 58 -5.74 9.81 -7.18
CA SER E 58 -6.36 8.50 -7.40
C SER E 58 -7.55 8.18 -6.46
N LYS E 59 -8.16 6.98 -6.63
CA LYS E 59 -9.29 6.47 -5.81
C LYS E 59 -9.00 6.52 -4.28
N ASP E 60 -7.69 6.58 -3.93
CA ASP E 60 -7.19 6.57 -2.55
C ASP E 60 -7.01 7.99 -1.99
N TRP E 61 -7.16 9.04 -2.85
CA TRP E 61 -7.09 10.49 -2.48
C TRP E 61 -5.70 11.14 -2.55
N SER E 62 -4.63 10.36 -2.77
CA SER E 62 -3.30 10.98 -2.83
C SER E 62 -3.01 11.50 -4.22
N PHE E 63 -2.40 12.68 -4.29
CA PHE E 63 -2.10 13.40 -5.53
C PHE E 63 -0.95 12.85 -6.35
N TYR E 64 -0.97 13.18 -7.63
CA TYR E 64 0.08 12.90 -8.59
C TYR E 64 0.27 14.06 -9.58
N LEU E 65 1.52 14.41 -9.89
CA LEU E 65 1.89 15.42 -10.88
C LEU E 65 3.00 14.92 -11.81
N LEU E 66 2.97 15.37 -13.08
CA LEU E 66 4.04 15.10 -14.03
C LEU E 66 4.60 16.43 -14.42
N TYR E 67 5.89 16.60 -14.16
CA TYR E 67 6.64 17.78 -14.52
C TYR E 67 7.52 17.34 -15.66
N TYR E 68 7.51 18.08 -16.75
CA TYR E 68 8.26 17.63 -17.91
C TYR E 68 8.96 18.75 -18.63
N THR E 69 10.11 18.44 -19.24
CA THR E 69 10.93 19.39 -19.98
C THR E 69 11.54 18.75 -21.23
N GLU E 70 11.91 19.57 -22.20
CA GLU E 70 12.55 19.11 -23.43
C GLU E 70 14.07 19.06 -23.13
N PHE E 71 14.72 17.92 -23.41
CA PHE E 71 16.16 17.80 -23.13
C PHE E 71 16.92 16.91 -24.11
N THR E 72 18.23 17.22 -24.24
CA THR E 72 19.14 16.47 -25.10
C THR E 72 20.19 15.75 -24.22
N PRO E 73 19.96 14.45 -23.93
CA PRO E 73 20.93 13.69 -23.13
C PRO E 73 22.27 13.54 -23.82
N THR E 74 23.35 13.63 -23.07
CA THR E 74 24.73 13.44 -23.54
C THR E 74 25.49 12.71 -22.46
N GLU E 75 26.63 12.13 -22.84
CA GLU E 75 27.53 11.37 -21.97
C GLU E 75 27.96 12.19 -20.73
N LYS E 76 28.32 13.49 -20.92
CA LYS E 76 28.80 14.37 -19.84
C LYS E 76 27.70 14.87 -18.88
N ASP E 77 26.72 15.63 -19.41
CA ASP E 77 25.61 16.30 -18.72
C ASP E 77 24.82 15.46 -17.68
N GLU E 78 24.53 16.11 -16.51
CA GLU E 78 23.79 15.55 -15.36
C GLU E 78 22.40 16.20 -15.19
N TYR E 79 21.38 15.38 -15.00
CA TYR E 79 20.02 15.84 -14.81
C TYR E 79 19.43 15.27 -13.51
N ALA E 80 18.72 16.14 -12.77
CA ALA E 80 18.15 15.78 -11.47
C ALA E 80 16.73 16.33 -11.33
N CYS E 81 15.98 15.81 -10.35
CA CYS E 81 14.65 16.30 -10.01
C CYS E 81 14.72 16.78 -8.55
N ARG E 82 14.50 18.07 -8.25
CA ARG E 82 14.51 18.57 -6.85
C ARG E 82 13.07 18.75 -6.34
N VAL E 83 12.72 17.96 -5.30
CA VAL E 83 11.36 17.93 -4.75
C VAL E 83 11.26 18.39 -3.33
N ASN E 84 10.22 19.18 -3.03
CA ASN E 84 9.94 19.62 -1.68
C ASN E 84 8.46 19.58 -1.34
N HIS E 85 8.16 19.13 -0.12
CA HIS E 85 6.85 18.97 0.45
C HIS E 85 6.91 19.37 1.94
N VAL E 86 5.85 19.10 2.71
CA VAL E 86 5.77 19.33 4.16
C VAL E 86 6.37 18.08 4.85
N THR E 87 6.38 16.94 4.12
CA THR E 87 6.88 15.63 4.57
C THR E 87 8.41 15.49 4.38
N LEU E 88 9.04 16.49 3.74
CA LEU E 88 10.49 16.47 3.51
C LEU E 88 11.10 17.61 4.30
N SER E 89 11.91 17.24 5.33
CA SER E 89 12.66 18.10 6.27
C SER E 89 13.64 19.03 5.54
N GLN E 90 14.16 18.51 4.40
CA GLN E 90 15.03 19.17 3.44
C GLN E 90 14.57 18.76 2.03
N PRO E 91 14.72 19.62 0.99
CA PRO E 91 14.37 19.19 -0.38
C PRO E 91 15.13 17.91 -0.82
N LYS E 92 14.47 17.04 -1.61
CA LYS E 92 15.08 15.80 -2.08
C LYS E 92 15.48 15.86 -3.56
N ILE E 93 16.79 15.71 -3.82
CA ILE E 93 17.39 15.67 -5.16
C ILE E 93 17.49 14.22 -5.61
N VAL E 94 16.69 13.84 -6.61
CA VAL E 94 16.71 12.49 -7.19
C VAL E 94 17.44 12.62 -8.56
N LYS E 95 18.61 11.93 -8.66
CA LYS E 95 19.41 11.96 -9.86
C LYS E 95 18.88 11.06 -10.98
N TRP E 96 18.98 11.57 -12.23
CA TRP E 96 18.58 10.86 -13.44
C TRP E 96 19.69 9.89 -13.92
N ASP E 97 19.24 8.67 -14.19
CA ASP E 97 19.97 7.49 -14.60
C ASP E 97 19.23 6.87 -15.79
N ARG E 98 19.85 6.79 -16.96
CA ARG E 98 19.29 6.20 -18.19
C ARG E 98 18.79 4.77 -18.03
N ASP E 99 19.41 4.02 -17.13
CA ASP E 99 19.07 2.62 -16.90
C ASP E 99 18.05 2.50 -15.81
N MET E 100 17.98 3.54 -14.92
CA MET E 100 17.14 3.72 -13.71
C MET E 100 17.65 2.95 -12.48
N ILE F 1 -19.43 14.91 -19.17
CA ILE F 1 -20.59 15.64 -18.66
C ILE F 1 -20.53 15.77 -17.17
N TYR F 2 -20.46 17.02 -16.68
CA TYR F 2 -20.39 17.38 -15.26
C TYR F 2 -21.80 17.33 -14.72
N PHE F 3 -21.97 16.93 -13.45
CA PHE F 3 -23.32 16.80 -12.91
C PHE F 3 -24.04 18.13 -12.74
N SER F 4 -25.37 18.14 -12.96
CA SER F 4 -26.28 19.27 -12.80
C SER F 4 -26.17 19.76 -11.32
N PRO F 5 -26.24 21.10 -11.03
CA PRO F 5 -26.02 21.55 -9.63
C PRO F 5 -26.83 20.84 -8.53
N ILE F 6 -26.13 20.53 -7.44
CA ILE F 6 -26.76 19.85 -6.34
C ILE F 6 -27.47 20.89 -5.45
N ARG F 7 -26.81 22.05 -5.23
CA ARG F 7 -27.29 23.20 -4.46
C ARG F 7 -27.90 22.82 -3.10
N VAL F 8 -27.12 22.02 -2.35
CA VAL F 8 -27.24 21.62 -0.95
C VAL F 8 -25.80 21.59 -0.44
N THR F 9 -25.56 22.15 0.70
CA THR F 9 -24.23 22.24 1.22
C THR F 9 -24.01 21.06 2.23
N PHE F 10 -22.87 21.02 2.92
CA PHE F 10 -22.63 19.99 3.93
C PHE F 10 -23.52 20.22 5.20
#